data_1D32
# 
_entry.id   1D32 
# 
_audit_conform.dict_name       mmcif_pdbx.dic 
_audit_conform.dict_version    5.385 
_audit_conform.dict_location   http://mmcif.pdb.org/dictionaries/ascii/mmcif_pdbx.dic 
# 
loop_
_database_2.database_id 
_database_2.database_code 
_database_2.pdbx_database_accession 
_database_2.pdbx_DOI 
PDB   1D32         pdb_00001d32 10.2210/pdb1d32/pdb 
RCSB  DDD030       ?            ?                   
WWPDB D_1000172637 ?            ?                   
# 
loop_
_pdbx_audit_revision_history.ordinal 
_pdbx_audit_revision_history.data_content_type 
_pdbx_audit_revision_history.major_revision 
_pdbx_audit_revision_history.minor_revision 
_pdbx_audit_revision_history.revision_date 
1 'Structure model' 1 0 1992-04-15 
2 'Structure model' 1 1 2008-05-22 
3 'Structure model' 1 2 2011-07-13 
4 'Structure model' 1 3 2024-02-07 
# 
_pdbx_audit_revision_details.ordinal             1 
_pdbx_audit_revision_details.revision_ordinal    1 
_pdbx_audit_revision_details.data_content_type   'Structure model' 
_pdbx_audit_revision_details.provider            repository 
_pdbx_audit_revision_details.type                'Initial release' 
_pdbx_audit_revision_details.description         ? 
_pdbx_audit_revision_details.details             ? 
# 
loop_
_pdbx_audit_revision_group.ordinal 
_pdbx_audit_revision_group.revision_ordinal 
_pdbx_audit_revision_group.data_content_type 
_pdbx_audit_revision_group.group 
1 2 'Structure model' 'Version format compliance' 
2 3 'Structure model' 'Version format compliance' 
3 4 'Structure model' 'Data collection'           
4 4 'Structure model' 'Database references'       
5 4 'Structure model' 'Derived calculations'      
# 
loop_
_pdbx_audit_revision_category.ordinal 
_pdbx_audit_revision_category.revision_ordinal 
_pdbx_audit_revision_category.data_content_type 
_pdbx_audit_revision_category.category 
1 4 'Structure model' chem_comp_atom 
2 4 'Structure model' chem_comp_bond 
3 4 'Structure model' database_2     
4 4 'Structure model' struct_site    
# 
loop_
_pdbx_audit_revision_item.ordinal 
_pdbx_audit_revision_item.revision_ordinal 
_pdbx_audit_revision_item.data_content_type 
_pdbx_audit_revision_item.item 
1 4 'Structure model' '_database_2.pdbx_DOI'                
2 4 'Structure model' '_database_2.pdbx_database_accession' 
3 4 'Structure model' '_struct_site.pdbx_auth_asym_id'      
4 4 'Structure model' '_struct_site.pdbx_auth_comp_id'      
5 4 'Structure model' '_struct_site.pdbx_auth_seq_id'       
# 
_pdbx_database_status.status_code                     REL 
_pdbx_database_status.entry_id                        1D32 
_pdbx_database_status.recvd_initial_deposition_date   1991-01-23 
_pdbx_database_status.deposit_site                    BNL 
_pdbx_database_status.process_site                    NDB 
_pdbx_database_status.SG_entry                        . 
_pdbx_database_status.pdb_format_compatible           Y 
_pdbx_database_status.status_code_mr                  ? 
_pdbx_database_status.status_code_sf                  ? 
_pdbx_database_status.status_code_cs                  ? 
_pdbx_database_status.status_code_nmr_data            ? 
_pdbx_database_status.methods_development_category    ? 
# 
loop_
_audit_author.name 
_audit_author.pdbx_ordinal 
'Gao, Q.'        1 
'Williams, L.D.' 2 
'Egli, M.'       3 
'Rabinovich, D.' 4 
'Chen, S.-L.'    5 
'Quigley, G.J.'  6 
'Rich, A.'       7 
# 
loop_
_citation.id 
_citation.title 
_citation.journal_abbrev 
_citation.journal_volume 
_citation.page_first 
_citation.page_last 
_citation.year 
_citation.journal_id_ASTM 
_citation.country 
_citation.journal_id_ISSN 
_citation.journal_id_CSD 
_citation.book_publisher 
_citation.pdbx_database_id_PubMed 
_citation.pdbx_database_id_DOI 
primary 'Drug-induced DNA repair: X-ray structure of a DNA-ditercalinium complex.'    Proc.Natl.Acad.Sci.USA 88 2422 2426 1991 
PNASA6 US 0027-8424 0040 ? 2006181 10.1073/pnas.88.6.2422 
1       'DNA-Ditercalinium Interactions: Implications for Recognition of Damaged DNA' Biochemistry           31 4315 4324 1992 
BICHAW US 0006-2960 0033 ? ?       ?                      
# 
loop_
_citation_author.citation_id 
_citation_author.name 
_citation_author.ordinal 
_citation_author.identifier_ORCID 
primary 'Gao, Q.'        1 ? 
primary 'Williams, L.D.' 2 ? 
primary 'Egli, M.'       3 ? 
primary 'Rabinovich, D.' 4 ? 
primary 'Chen, S.L.'     5 ? 
primary 'Quigley, G.J.'  6 ? 
primary 'Rich, A.'       7 ? 
1       'Williams, L.D.' 8 ? 
1       'Gao, Q.'        9 ? 
# 
loop_
_entity.id 
_entity.type 
_entity.src_method 
_entity.pdbx_description 
_entity.formula_weight 
_entity.pdbx_number_of_molecules 
_entity.pdbx_ec 
_entity.pdbx_mutation 
_entity.pdbx_fragment 
_entity.details 
1 polymer     syn 
;DNA (5'-D(*CP*GP*CP*G)-3')
;
1191.818 2  ? ? ? ? 
2 non-polymer syn DITERCALINIUM                718.928  1  ? ? ? ? 
3 water       nat water                        18.015   83 ? ? ? ? 
# 
_entity_poly.entity_id                      1 
_entity_poly.type                           polydeoxyribonucleotide 
_entity_poly.nstd_linkage                   no 
_entity_poly.nstd_monomer                   no 
_entity_poly.pdbx_seq_one_letter_code       '(DC)(DG)(DC)(DG)' 
_entity_poly.pdbx_seq_one_letter_code_can   CGCG 
_entity_poly.pdbx_strand_id                 A,B 
_entity_poly.pdbx_target_identifier         ? 
# 
loop_
_pdbx_entity_nonpoly.entity_id 
_pdbx_entity_nonpoly.name 
_pdbx_entity_nonpoly.comp_id 
2 DITERCALINIUM DIT 
3 water         HOH 
# 
loop_
_entity_poly_seq.entity_id 
_entity_poly_seq.num 
_entity_poly_seq.mon_id 
_entity_poly_seq.hetero 
1 1 DC n 
1 2 DG n 
1 3 DC n 
1 4 DG n 
# 
loop_
_chem_comp.id 
_chem_comp.type 
_chem_comp.mon_nstd_flag 
_chem_comp.name 
_chem_comp.pdbx_synonyms 
_chem_comp.formula 
_chem_comp.formula_weight 
DC  'DNA linking' y "2'-DEOXYCYTIDINE-5'-MONOPHOSPHATE"  ? 'C9 H14 N3 O7 P'  307.197 
DG  'DNA linking' y "2'-DEOXYGUANOSINE-5'-MONOPHOSPHATE" ? 'C10 H14 N5 O7 P' 347.221 
DIT non-polymer   . DITERCALINIUM                        ? 'C46 H50 N6 O2 2' 718.928 
HOH non-polymer   . WATER                                ? 'H2 O'            18.015  
# 
loop_
_pdbx_poly_seq_scheme.asym_id 
_pdbx_poly_seq_scheme.entity_id 
_pdbx_poly_seq_scheme.seq_id 
_pdbx_poly_seq_scheme.mon_id 
_pdbx_poly_seq_scheme.ndb_seq_num 
_pdbx_poly_seq_scheme.pdb_seq_num 
_pdbx_poly_seq_scheme.auth_seq_num 
_pdbx_poly_seq_scheme.pdb_mon_id 
_pdbx_poly_seq_scheme.auth_mon_id 
_pdbx_poly_seq_scheme.pdb_strand_id 
_pdbx_poly_seq_scheme.pdb_ins_code 
_pdbx_poly_seq_scheme.hetero 
A 1 1 DC 1 1 1 DC C A . n 
A 1 2 DG 2 2 2 DG G A . n 
A 1 3 DC 3 3 3 DC C A . n 
A 1 4 DG 4 4 4 DG G A . n 
B 1 1 DC 1 5 5 DC C B . n 
B 1 2 DG 2 6 6 DG G B . n 
B 1 3 DC 3 7 7 DC C B . n 
B 1 4 DG 4 8 8 DG G B . n 
# 
loop_
_pdbx_nonpoly_scheme.asym_id 
_pdbx_nonpoly_scheme.entity_id 
_pdbx_nonpoly_scheme.mon_id 
_pdbx_nonpoly_scheme.ndb_seq_num 
_pdbx_nonpoly_scheme.pdb_seq_num 
_pdbx_nonpoly_scheme.auth_seq_num 
_pdbx_nonpoly_scheme.pdb_mon_id 
_pdbx_nonpoly_scheme.auth_mon_id 
_pdbx_nonpoly_scheme.pdb_strand_id 
_pdbx_nonpoly_scheme.pdb_ins_code 
C 2 DIT 1  9  9  DIT DIT A . 
D 3 HOH 1  12 12 HOH HOH A . 
D 3 HOH 2  16 16 HOH HOH A . 
D 3 HOH 3  18 18 HOH HOH A . 
D 3 HOH 4  19 19 HOH HOH A . 
D 3 HOH 5  20 20 HOH HOH A . 
D 3 HOH 6  21 21 HOH HOH A . 
D 3 HOH 7  25 25 HOH HOH A . 
D 3 HOH 8  26 26 HOH HOH A . 
D 3 HOH 9  29 29 HOH HOH A . 
D 3 HOH 10 34 34 HOH HOH A . 
D 3 HOH 11 36 36 HOH HOH A . 
D 3 HOH 12 37 37 HOH HOH A . 
D 3 HOH 13 41 41 HOH HOH A . 
D 3 HOH 14 45 45 HOH HOH A . 
D 3 HOH 15 47 47 HOH HOH A . 
D 3 HOH 16 49 49 HOH HOH A . 
D 3 HOH 17 51 51 HOH HOH A . 
D 3 HOH 18 58 58 HOH HOH A . 
D 3 HOH 19 59 59 HOH HOH A . 
D 3 HOH 20 63 63 HOH HOH A . 
D 3 HOH 21 64 64 HOH HOH A . 
D 3 HOH 22 65 65 HOH HOH A . 
D 3 HOH 23 66 66 HOH HOH A . 
D 3 HOH 24 67 67 HOH HOH A . 
D 3 HOH 25 68 68 HOH HOH A . 
D 3 HOH 26 69 69 HOH HOH A . 
D 3 HOH 27 70 70 HOH HOH A . 
D 3 HOH 28 71 71 HOH HOH A . 
D 3 HOH 29 72 72 HOH HOH A . 
D 3 HOH 30 73 73 HOH HOH A . 
D 3 HOH 31 74 74 HOH HOH A . 
D 3 HOH 32 77 77 HOH HOH A . 
D 3 HOH 33 80 80 HOH HOH A . 
D 3 HOH 34 81 81 HOH HOH A . 
D 3 HOH 35 82 82 HOH HOH A . 
D 3 HOH 36 83 83 HOH HOH A . 
D 3 HOH 37 85 85 HOH HOH A . 
D 3 HOH 38 86 86 HOH HOH A . 
D 3 HOH 39 89 89 HOH HOH A . 
E 3 HOH 1  10 10 HOH HOH B . 
E 3 HOH 2  11 11 HOH HOH B . 
E 3 HOH 3  13 13 HOH HOH B . 
E 3 HOH 4  14 14 HOH HOH B . 
E 3 HOH 5  15 15 HOH HOH B . 
E 3 HOH 6  17 17 HOH HOH B . 
E 3 HOH 7  22 22 HOH HOH B . 
E 3 HOH 8  23 23 HOH HOH B . 
E 3 HOH 9  24 24 HOH HOH B . 
E 3 HOH 10 27 27 HOH HOH B . 
E 3 HOH 11 28 28 HOH HOH B . 
E 3 HOH 12 30 30 HOH HOH B . 
E 3 HOH 13 31 31 HOH HOH B . 
E 3 HOH 14 32 32 HOH HOH B . 
E 3 HOH 15 33 33 HOH HOH B . 
E 3 HOH 16 35 35 HOH HOH B . 
E 3 HOH 17 38 38 HOH HOH B . 
E 3 HOH 18 39 39 HOH HOH B . 
E 3 HOH 19 40 40 HOH HOH B . 
E 3 HOH 20 42 42 HOH HOH B . 
E 3 HOH 21 43 43 HOH HOH B . 
E 3 HOH 22 44 44 HOH HOH B . 
E 3 HOH 23 46 46 HOH HOH B . 
E 3 HOH 24 48 48 HOH HOH B . 
E 3 HOH 25 50 50 HOH HOH B . 
E 3 HOH 26 52 52 HOH HOH B . 
E 3 HOH 27 53 53 HOH HOH B . 
E 3 HOH 28 54 54 HOH HOH B . 
E 3 HOH 29 55 55 HOH HOH B . 
E 3 HOH 30 56 56 HOH HOH B . 
E 3 HOH 31 57 57 HOH HOH B . 
E 3 HOH 32 60 60 HOH HOH B . 
E 3 HOH 33 61 61 HOH HOH B . 
E 3 HOH 34 62 62 HOH HOH B . 
E 3 HOH 35 75 75 HOH HOH B . 
E 3 HOH 36 76 76 HOH HOH B . 
E 3 HOH 37 78 78 HOH HOH B . 
E 3 HOH 38 79 79 HOH HOH B . 
E 3 HOH 39 84 84 HOH HOH B . 
E 3 HOH 40 87 87 HOH HOH B . 
E 3 HOH 41 88 88 HOH HOH B . 
E 3 HOH 42 90 90 HOH HOH B . 
E 3 HOH 43 91 91 HOH HOH B . 
E 3 HOH 44 92 92 HOH HOH B . 
# 
_software.name             NUCLSQ 
_software.classification   refinement 
_software.version          . 
_software.citation_id      ? 
_software.pdbx_ordinal     1 
# 
_cell.entry_id           1D32 
_cell.length_a           26.880 
_cell.length_b           26.880 
_cell.length_c           82.600 
_cell.angle_alpha        90.00 
_cell.angle_beta         90.00 
_cell.angle_gamma        90.00 
_cell.Z_PDB              16 
_cell.pdbx_unique_axis   ? 
# 
_symmetry.entry_id                         1D32 
_symmetry.space_group_name_H-M             'P 41 21 2' 
_symmetry.pdbx_full_space_group_name_H-M   ? 
_symmetry.cell_setting                     ? 
_symmetry.Int_Tables_number                92 
# 
_exptl.entry_id          1D32 
_exptl.method            'X-RAY DIFFRACTION' 
_exptl.crystals_number   ? 
# 
_exptl_crystal.id                    1 
_exptl_crystal.density_meas          ? 
_exptl_crystal.density_Matthews      3.13 
_exptl_crystal.density_percent_sol   60.70 
_exptl_crystal.description           ? 
# 
_exptl_crystal_grow.crystal_id      1 
_exptl_crystal_grow.method          'VAPOR DIFFUSION, SITTING DROP' 
_exptl_crystal_grow.temp            ? 
_exptl_crystal_grow.temp_details    'ROOM TEMPERATURE' 
_exptl_crystal_grow.pH              6.00 
_exptl_crystal_grow.pdbx_details    'pH 6.00, VAPOR DIFFUSION, SITTING DROP' 
_exptl_crystal_grow.pdbx_pH_range   ? 
# 
loop_
_exptl_crystal_grow_comp.crystal_id 
_exptl_crystal_grow_comp.id 
_exptl_crystal_grow_comp.sol_id 
_exptl_crystal_grow_comp.name 
_exptl_crystal_grow_comp.volume 
_exptl_crystal_grow_comp.conc 
_exptl_crystal_grow_comp.details 
1 1 1 WATER           ? ? ? 
1 2 1 MPD             ? ? ? 
1 3 1 'NA CACODYLATE' ? ? ? 
1 4 1 'NH4 ACETATE'   ? ? ? 
1 5 1 SPERMINE        ? ? ? 
1 6 1 MGCL2           ? ? ? 
1 7 2 WATER           ? ? ? 
1 8 2 MPD             ? ? ? 
# 
_diffrn.id                     1 
_diffrn.ambient_temp           273.00 
_diffrn.ambient_temp_details   ? 
_diffrn.crystal_id             1 
# 
_diffrn_detector.diffrn_id              1 
_diffrn_detector.detector               DIFFRACTOMETER 
_diffrn_detector.type                   'RIGAKU AFC-5' 
_diffrn_detector.pdbx_collection_date   ? 
_diffrn_detector.details                ? 
# 
_diffrn_radiation.diffrn_id                        1 
_diffrn_radiation.wavelength_id                    1 
_diffrn_radiation.pdbx_monochromatic_or_laue_m_l   ? 
_diffrn_radiation.monochromator                    ? 
_diffrn_radiation.pdbx_diffrn_protocol             ? 
_diffrn_radiation.pdbx_scattering_type             x-ray 
# 
_diffrn_radiation_wavelength.id           1 
_diffrn_radiation_wavelength.wavelength   . 
_diffrn_radiation_wavelength.wt           1.0 
# 
_diffrn_source.diffrn_id                   1 
_diffrn_source.source                      'ROTATING ANODE' 
_diffrn_source.type                        'RIGAKU RU200' 
_diffrn_source.pdbx_synchrotron_site       ? 
_diffrn_source.pdbx_synchrotron_beamline   ? 
_diffrn_source.pdbx_wavelength             ? 
_diffrn_source.pdbx_wavelength_list        ? 
# 
_reflns.entry_id                     1D32 
_reflns.observed_criterion_sigma_I   ? 
_reflns.observed_criterion_sigma_F   3.000 
_reflns.d_resolution_low             ? 
_reflns.d_resolution_high            1.700 
_reflns.number_obs                   2211 
_reflns.number_all                   ? 
_reflns.percent_possible_obs         ? 
_reflns.pdbx_Rmerge_I_obs            ? 
_reflns.pdbx_Rsym_value              ? 
_reflns.pdbx_netI_over_sigmaI        ? 
_reflns.B_iso_Wilson_estimate        ? 
_reflns.pdbx_redundancy              ? 
_reflns.pdbx_diffrn_id               1 
_reflns.pdbx_ordinal                 1 
# 
_refine.entry_id                                 1D32 
_refine.ls_number_reflns_obs                     542 
_refine.ls_number_reflns_all                     ? 
_refine.pdbx_ls_sigma_I                          ? 
_refine.pdbx_ls_sigma_F                          3.000 
_refine.pdbx_data_cutoff_high_absF               ? 
_refine.pdbx_data_cutoff_low_absF                ? 
_refine.pdbx_data_cutoff_high_rms_absF           ? 
_refine.ls_d_res_low                             2.000 
_refine.ls_d_res_high                            1.700 
_refine.ls_percent_reflns_obs                    ? 
_refine.ls_R_factor_obs                          0.2250000 
_refine.ls_R_factor_all                          ? 
_refine.ls_R_factor_R_work                       ? 
_refine.ls_R_factor_R_free                       ? 
_refine.ls_R_factor_R_free_error                 ? 
_refine.ls_R_factor_R_free_error_details         ? 
_refine.ls_percent_reflns_R_free                 ? 
_refine.ls_number_reflns_R_free                  ? 
_refine.ls_number_parameters                     ? 
_refine.ls_number_restraints                     ? 
_refine.occupancy_min                            ? 
_refine.occupancy_max                            ? 
_refine.B_iso_mean                               ? 
_refine.aniso_B[1][1]                            ? 
_refine.aniso_B[2][2]                            ? 
_refine.aniso_B[3][3]                            ? 
_refine.aniso_B[1][2]                            ? 
_refine.aniso_B[1][3]                            ? 
_refine.aniso_B[2][3]                            ? 
_refine.solvent_model_details                    ? 
_refine.solvent_model_param_ksol                 ? 
_refine.solvent_model_param_bsol                 ? 
_refine.pdbx_ls_cross_valid_method               ? 
_refine.details                                  ? 
_refine.pdbx_starting_model                      ? 
_refine.pdbx_method_to_determine_struct          ? 
_refine.pdbx_isotropic_thermal_model             ? 
_refine.pdbx_stereochemistry_target_values       ? 
_refine.pdbx_stereochem_target_val_spec_case     ? 
_refine.pdbx_R_Free_selection_details            ? 
_refine.pdbx_overall_ESU_R                       ? 
_refine.pdbx_overall_ESU_R_Free                  ? 
_refine.overall_SU_ML                            ? 
_refine.overall_SU_B                             ? 
_refine.pdbx_refine_id                           'X-RAY DIFFRACTION' 
_refine.pdbx_diffrn_id                           1 
_refine.pdbx_TLS_residual_ADP_flag               ? 
_refine.correlation_coeff_Fo_to_Fc               ? 
_refine.correlation_coeff_Fo_to_Fc_free          ? 
_refine.pdbx_solvent_vdw_probe_radii             ? 
_refine.pdbx_solvent_ion_probe_radii             ? 
_refine.pdbx_solvent_shrinkage_radii             ? 
_refine.pdbx_overall_phase_error                 ? 
_refine.overall_SU_R_Cruickshank_DPI             ? 
_refine.pdbx_overall_SU_R_free_Cruickshank_DPI   ? 
_refine.pdbx_overall_SU_R_Blow_DPI               ? 
_refine.pdbx_overall_SU_R_free_Blow_DPI          ? 
# 
_refine_hist.pdbx_refine_id                   'X-RAY DIFFRACTION' 
_refine_hist.cycle_id                         LAST 
_refine_hist.pdbx_number_atoms_protein        0 
_refine_hist.pdbx_number_atoms_nucleic_acid   158 
_refine_hist.pdbx_number_atoms_ligand         54 
_refine_hist.number_atoms_solvent             83 
_refine_hist.number_atoms_total               295 
_refine_hist.d_res_high                       1.700 
_refine_hist.d_res_low                        2.000 
# 
loop_
_refine_ls_restr.type 
_refine_ls_restr.dev_ideal 
_refine_ls_restr.dev_ideal_target 
_refine_ls_restr.weight 
_refine_ls_restr.number 
_refine_ls_restr.pdbx_refine_id 
_refine_ls_restr.pdbx_restraint_function 
n_bond_d               0.019 ? ? ? 'X-RAY DIFFRACTION' ? 
n_angle_d              ?     ? ? ? 'X-RAY DIFFRACTION' ? 
n_planar_d             ?     ? ? ? 'X-RAY DIFFRACTION' ? 
n_hb_or_metal_coord    ?     ? ? ? 'X-RAY DIFFRACTION' ? 
n_sugar_bond_it        ?     ? ? ? 'X-RAY DIFFRACTION' ? 
n_sugar_angle_it       ?     ? ? ? 'X-RAY DIFFRACTION' ? 
n_phos_bond_it         ?     ? ? ? 'X-RAY DIFFRACTION' ? 
n_phos_angle_it        ?     ? ? ? 'X-RAY DIFFRACTION' ? 
n_bond_angle_restr     ?     ? ? ? 'X-RAY DIFFRACTION' ? 
n_dihedral_angle_restr ?     ? ? ? 'X-RAY DIFFRACTION' ? 
n_impr_tor             ?     ? ? ? 'X-RAY DIFFRACTION' ? 
n_sugar_bond_d         ?     ? ? ? 'X-RAY DIFFRACTION' ? 
n_sugar_bond_angle_d   ?     ? ? ? 'X-RAY DIFFRACTION' ? 
n_phos_bond_d          ?     ? ? ? 'X-RAY DIFFRACTION' ? 
n_phos_bond_angle_d    ?     ? ? ? 'X-RAY DIFFRACTION' ? 
n_plane_restr          ?     ? ? ? 'X-RAY DIFFRACTION' ? 
n_chiral_restr         ?     ? ? ? 'X-RAY DIFFRACTION' ? 
n_singtor_nbd          ?     ? ? ? 'X-RAY DIFFRACTION' ? 
n_multtor_nbd          ?     ? ? ? 'X-RAY DIFFRACTION' ? 
n_xhyhbond_nbd         ?     ? ? ? 'X-RAY DIFFRACTION' ? 
# 
_struct.entry_id                  1D32 
_struct.title                     'DRUG-INDUCED DNA REPAIR: X-RAY STRUCTURE OF A DNA-DITERCALINIUM COMPLEX' 
_struct.pdbx_model_details        ? 
_struct.pdbx_CASP_flag            ? 
_struct.pdbx_model_type_details   ? 
# 
_struct_keywords.entry_id        1D32 
_struct_keywords.pdbx_keywords   DNA 
_struct_keywords.text            'RIGHT HANDED DNA, DOUBLE HELIX, COMPLEXED WITH DRUG, DNA' 
# 
loop_
_struct_asym.id 
_struct_asym.pdbx_blank_PDB_chainid_flag 
_struct_asym.pdbx_modified 
_struct_asym.entity_id 
_struct_asym.details 
A N N 1 ? 
B N N 1 ? 
C N N 2 ? 
D N N 3 ? 
E N N 3 ? 
# 
_struct_ref.id                         1 
_struct_ref.entity_id                  1 
_struct_ref.db_name                    PDB 
_struct_ref.db_code                    1D32 
_struct_ref.pdbx_db_accession          1D32 
_struct_ref.pdbx_db_isoform            ? 
_struct_ref.pdbx_seq_one_letter_code   ? 
_struct_ref.pdbx_align_begin           ? 
# 
loop_
_struct_ref_seq.align_id 
_struct_ref_seq.ref_id 
_struct_ref_seq.pdbx_PDB_id_code 
_struct_ref_seq.pdbx_strand_id 
_struct_ref_seq.seq_align_beg 
_struct_ref_seq.pdbx_seq_align_beg_ins_code 
_struct_ref_seq.seq_align_end 
_struct_ref_seq.pdbx_seq_align_end_ins_code 
_struct_ref_seq.pdbx_db_accession 
_struct_ref_seq.db_align_beg 
_struct_ref_seq.pdbx_db_align_beg_ins_code 
_struct_ref_seq.db_align_end 
_struct_ref_seq.pdbx_db_align_end_ins_code 
_struct_ref_seq.pdbx_auth_seq_align_beg 
_struct_ref_seq.pdbx_auth_seq_align_end 
1 1 1D32 A 1 ? 4 ? 1D32 1 ? 4 ? 1 4 
2 1 1D32 B 1 ? 4 ? 1D32 5 ? 8 ? 5 8 
# 
_pdbx_struct_assembly.id                   1 
_pdbx_struct_assembly.details              author_defined_assembly 
_pdbx_struct_assembly.method_details       ? 
_pdbx_struct_assembly.oligomeric_details   dimeric 
_pdbx_struct_assembly.oligomeric_count     2 
# 
_pdbx_struct_assembly_gen.assembly_id       1 
_pdbx_struct_assembly_gen.oper_expression   1 
_pdbx_struct_assembly_gen.asym_id_list      A,B,C,D,E 
# 
_pdbx_struct_oper_list.id                   1 
_pdbx_struct_oper_list.type                 'identity operation' 
_pdbx_struct_oper_list.name                 1_555 
_pdbx_struct_oper_list.symmetry_operation   x,y,z 
_pdbx_struct_oper_list.matrix[1][1]         1.0000000000 
_pdbx_struct_oper_list.matrix[1][2]         0.0000000000 
_pdbx_struct_oper_list.matrix[1][3]         0.0000000000 
_pdbx_struct_oper_list.vector[1]            0.0000000000 
_pdbx_struct_oper_list.matrix[2][1]         0.0000000000 
_pdbx_struct_oper_list.matrix[2][2]         1.0000000000 
_pdbx_struct_oper_list.matrix[2][3]         0.0000000000 
_pdbx_struct_oper_list.vector[2]            0.0000000000 
_pdbx_struct_oper_list.matrix[3][1]         0.0000000000 
_pdbx_struct_oper_list.matrix[3][2]         0.0000000000 
_pdbx_struct_oper_list.matrix[3][3]         1.0000000000 
_pdbx_struct_oper_list.vector[3]            0.0000000000 
# 
_struct_biol.id   1 
# 
loop_
_struct_conn.id 
_struct_conn.conn_type_id 
_struct_conn.pdbx_leaving_atom_flag 
_struct_conn.pdbx_PDB_id 
_struct_conn.ptnr1_label_asym_id 
_struct_conn.ptnr1_label_comp_id 
_struct_conn.ptnr1_label_seq_id 
_struct_conn.ptnr1_label_atom_id 
_struct_conn.pdbx_ptnr1_label_alt_id 
_struct_conn.pdbx_ptnr1_PDB_ins_code 
_struct_conn.pdbx_ptnr1_standard_comp_id 
_struct_conn.ptnr1_symmetry 
_struct_conn.ptnr2_label_asym_id 
_struct_conn.ptnr2_label_comp_id 
_struct_conn.ptnr2_label_seq_id 
_struct_conn.ptnr2_label_atom_id 
_struct_conn.pdbx_ptnr2_label_alt_id 
_struct_conn.pdbx_ptnr2_PDB_ins_code 
_struct_conn.ptnr1_auth_asym_id 
_struct_conn.ptnr1_auth_comp_id 
_struct_conn.ptnr1_auth_seq_id 
_struct_conn.ptnr2_auth_asym_id 
_struct_conn.ptnr2_auth_comp_id 
_struct_conn.ptnr2_auth_seq_id 
_struct_conn.ptnr2_symmetry 
_struct_conn.pdbx_ptnr3_label_atom_id 
_struct_conn.pdbx_ptnr3_label_seq_id 
_struct_conn.pdbx_ptnr3_label_comp_id 
_struct_conn.pdbx_ptnr3_label_asym_id 
_struct_conn.pdbx_ptnr3_label_alt_id 
_struct_conn.pdbx_ptnr3_PDB_ins_code 
_struct_conn.details 
_struct_conn.pdbx_dist_value 
_struct_conn.pdbx_value_order 
_struct_conn.pdbx_role 
hydrog1  hydrog ? ? A DC 1 N3 ? ? ? 1_555 B DG 4 N1 ? ? A DC 1 B DG 8 1_555 ? ? ? ? ? ? WATSON-CRICK ? ? ? 
hydrog2  hydrog ? ? A DC 1 N4 ? ? ? 1_555 B DG 4 O6 ? ? A DC 1 B DG 8 1_555 ? ? ? ? ? ? WATSON-CRICK ? ? ? 
hydrog3  hydrog ? ? A DC 1 O2 ? ? ? 1_555 B DG 4 N2 ? ? A DC 1 B DG 8 1_555 ? ? ? ? ? ? WATSON-CRICK ? ? ? 
hydrog4  hydrog ? ? A DG 2 N1 ? ? ? 1_555 B DC 3 N3 ? ? A DG 2 B DC 7 1_555 ? ? ? ? ? ? WATSON-CRICK ? ? ? 
hydrog5  hydrog ? ? A DG 2 N2 ? ? ? 1_555 B DC 3 O2 ? ? A DG 2 B DC 7 1_555 ? ? ? ? ? ? WATSON-CRICK ? ? ? 
hydrog6  hydrog ? ? A DG 2 O6 ? ? ? 1_555 B DC 3 N4 ? ? A DG 2 B DC 7 1_555 ? ? ? ? ? ? WATSON-CRICK ? ? ? 
hydrog7  hydrog ? ? A DC 3 N3 ? ? ? 1_555 B DG 2 N1 ? ? A DC 3 B DG 6 1_555 ? ? ? ? ? ? WATSON-CRICK ? ? ? 
hydrog8  hydrog ? ? A DC 3 N4 ? ? ? 1_555 B DG 2 O6 ? ? A DC 3 B DG 6 1_555 ? ? ? ? ? ? WATSON-CRICK ? ? ? 
hydrog9  hydrog ? ? A DC 3 O2 ? ? ? 1_555 B DG 2 N2 ? ? A DC 3 B DG 6 1_555 ? ? ? ? ? ? WATSON-CRICK ? ? ? 
hydrog10 hydrog ? ? A DG 4 N1 ? ? ? 1_555 B DC 1 N3 ? ? A DG 4 B DC 5 1_555 ? ? ? ? ? ? WATSON-CRICK ? ? ? 
hydrog11 hydrog ? ? A DG 4 N2 ? ? ? 1_555 B DC 1 O2 ? ? A DG 4 B DC 5 1_555 ? ? ? ? ? ? WATSON-CRICK ? ? ? 
hydrog12 hydrog ? ? A DG 4 O6 ? ? ? 1_555 B DC 1 N4 ? ? A DG 4 B DC 5 1_555 ? ? ? ? ? ? WATSON-CRICK ? ? ? 
# 
_struct_conn_type.id          hydrog 
_struct_conn_type.criteria    ? 
_struct_conn_type.reference   ? 
# 
loop_
_struct_site.id 
_struct_site.pdbx_evidence_code 
_struct_site.pdbx_auth_asym_id 
_struct_site.pdbx_auth_comp_id 
_struct_site.pdbx_auth_seq_id 
_struct_site.pdbx_auth_ins_code 
_struct_site.pdbx_num_residues 
_struct_site.details 
AC1 Software A DIT 9 ? 13 'BINDING SITE FOR RESIDUE DIT A 9' 
1   ?        ? ?   ? ? ?  ?                                  
# 
loop_
_struct_site_gen.id 
_struct_site_gen.site_id 
_struct_site_gen.pdbx_num_res 
_struct_site_gen.label_comp_id 
_struct_site_gen.label_asym_id 
_struct_site_gen.label_seq_id 
_struct_site_gen.pdbx_auth_ins_code 
_struct_site_gen.auth_comp_id 
_struct_site_gen.auth_asym_id 
_struct_site_gen.auth_seq_id 
_struct_site_gen.label_atom_id 
_struct_site_gen.label_alt_id 
_struct_site_gen.symmetry 
_struct_site_gen.details 
1  AC1 13 DC  A 1 ? DC  A 1  . ? 1_555 ? 
2  AC1 13 DG  A 2 ? DG  A 2  . ? 1_555 ? 
3  AC1 13 DC  A 3 ? DC  A 3  . ? 1_555 ? 
4  AC1 13 DG  A 4 ? DG  A 4  . ? 1_555 ? 
5  AC1 13 HOH D . ? HOH A 18 . ? 1_555 ? 
6  AC1 13 HOH D . ? HOH A 41 . ? 1_555 ? 
7  AC1 13 HOH D . ? HOH A 69 . ? 1_555 ? 
8  AC1 13 DC  B 1 ? DC  B 5  . ? 1_555 ? 
9  AC1 13 DG  B 2 ? DG  B 6  . ? 1_555 ? 
10 AC1 13 DC  B 3 ? DC  B 7  . ? 5_655 ? 
11 AC1 13 DC  B 3 ? DC  B 7  . ? 1_555 ? 
12 AC1 13 DG  B 4 ? DG  B 8  . ? 5_655 ? 
13 AC1 13 DG  B 4 ? DG  B 8  . ? 1_555 ? 
# 
loop_
_pdbx_validate_symm_contact.id 
_pdbx_validate_symm_contact.PDB_model_num 
_pdbx_validate_symm_contact.auth_atom_id_1 
_pdbx_validate_symm_contact.auth_asym_id_1 
_pdbx_validate_symm_contact.auth_comp_id_1 
_pdbx_validate_symm_contact.auth_seq_id_1 
_pdbx_validate_symm_contact.PDB_ins_code_1 
_pdbx_validate_symm_contact.label_alt_id_1 
_pdbx_validate_symm_contact.site_symmetry_1 
_pdbx_validate_symm_contact.auth_atom_id_2 
_pdbx_validate_symm_contact.auth_asym_id_2 
_pdbx_validate_symm_contact.auth_comp_id_2 
_pdbx_validate_symm_contact.auth_seq_id_2 
_pdbx_validate_symm_contact.PDB_ins_code_2 
_pdbx_validate_symm_contact.label_alt_id_2 
_pdbx_validate_symm_contact.site_symmetry_2 
_pdbx_validate_symm_contact.dist 
1 1 OP2 B DC 7 ? ? 1_555 O B HOH 43 ? ? 5_655 1.80 
2 1 OP2 B DG 6 ? ? 1_555 O B HOH 30 ? ? 5_655 2.18 
3 1 OP1 B DC 7 ? ? 1_555 O A HOH 89 ? ? 5_645 2.19 
# 
loop_
_pdbx_validate_rmsd_bond.id 
_pdbx_validate_rmsd_bond.PDB_model_num 
_pdbx_validate_rmsd_bond.auth_atom_id_1 
_pdbx_validate_rmsd_bond.auth_asym_id_1 
_pdbx_validate_rmsd_bond.auth_comp_id_1 
_pdbx_validate_rmsd_bond.auth_seq_id_1 
_pdbx_validate_rmsd_bond.PDB_ins_code_1 
_pdbx_validate_rmsd_bond.label_alt_id_1 
_pdbx_validate_rmsd_bond.auth_atom_id_2 
_pdbx_validate_rmsd_bond.auth_asym_id_2 
_pdbx_validate_rmsd_bond.auth_comp_id_2 
_pdbx_validate_rmsd_bond.auth_seq_id_2 
_pdbx_validate_rmsd_bond.PDB_ins_code_2 
_pdbx_validate_rmsd_bond.label_alt_id_2 
_pdbx_validate_rmsd_bond.bond_value 
_pdbx_validate_rmsd_bond.bond_target_value 
_pdbx_validate_rmsd_bond.bond_deviation 
_pdbx_validate_rmsd_bond.bond_standard_deviation 
_pdbx_validate_rmsd_bond.linker_flag 
1  1 P     A DG 2 ? ? "O5'" A DG 2 ? ? 1.655 1.593 0.062  0.010 N 
2  1 C6    A DG 2 ? ? N1    A DG 2 ? ? 1.337 1.391 -0.054 0.007 N 
3  1 C2    A DG 2 ? ? N2    A DG 2 ? ? 1.232 1.341 -0.109 0.010 N 
4  1 "C5'" A DG 4 ? ? "C4'" A DG 4 ? ? 1.555 1.512 0.043  0.007 N 
5  1 "C2'" A DG 4 ? ? "C1'" A DG 4 ? ? 1.590 1.519 0.071  0.010 N 
6  1 C6    A DG 4 ? ? N1    A DG 4 ? ? 1.338 1.391 -0.053 0.007 N 
7  1 C2    A DG 4 ? ? N2    A DG 4 ? ? 1.234 1.341 -0.107 0.010 N 
8  1 P     B DG 6 ? ? "O5'" B DG 6 ? ? 1.654 1.593 0.061  0.010 N 
9  1 "O3'" B DG 6 ? ? "C3'" B DG 6 ? ? 1.315 1.419 -0.104 0.006 N 
10 1 C6    B DG 6 ? ? N1    B DG 6 ? ? 1.330 1.391 -0.061 0.007 N 
11 1 C8    B DG 6 ? ? N9    B DG 6 ? ? 1.326 1.374 -0.048 0.007 N 
12 1 C2    B DG 6 ? ? N2    B DG 6 ? ? 1.235 1.341 -0.106 0.010 N 
13 1 P     B DC 7 ? ? "O5'" B DC 7 ? ? 1.662 1.593 0.069  0.010 N 
14 1 N3    B DC 7 ? ? C4    B DC 7 ? ? 1.397 1.335 0.062  0.007 N 
15 1 "O4'" B DG 8 ? ? "C1'" B DG 8 ? ? 1.532 1.420 0.112  0.011 N 
16 1 N7    B DG 8 ? ? C8    B DG 8 ? ? 1.344 1.305 0.039  0.006 N 
17 1 C2    B DG 8 ? ? N2    B DG 8 ? ? 1.216 1.341 -0.125 0.010 N 
# 
loop_
_pdbx_validate_rmsd_angle.id 
_pdbx_validate_rmsd_angle.PDB_model_num 
_pdbx_validate_rmsd_angle.auth_atom_id_1 
_pdbx_validate_rmsd_angle.auth_asym_id_1 
_pdbx_validate_rmsd_angle.auth_comp_id_1 
_pdbx_validate_rmsd_angle.auth_seq_id_1 
_pdbx_validate_rmsd_angle.PDB_ins_code_1 
_pdbx_validate_rmsd_angle.label_alt_id_1 
_pdbx_validate_rmsd_angle.auth_atom_id_2 
_pdbx_validate_rmsd_angle.auth_asym_id_2 
_pdbx_validate_rmsd_angle.auth_comp_id_2 
_pdbx_validate_rmsd_angle.auth_seq_id_2 
_pdbx_validate_rmsd_angle.PDB_ins_code_2 
_pdbx_validate_rmsd_angle.label_alt_id_2 
_pdbx_validate_rmsd_angle.auth_atom_id_3 
_pdbx_validate_rmsd_angle.auth_asym_id_3 
_pdbx_validate_rmsd_angle.auth_comp_id_3 
_pdbx_validate_rmsd_angle.auth_seq_id_3 
_pdbx_validate_rmsd_angle.PDB_ins_code_3 
_pdbx_validate_rmsd_angle.label_alt_id_3 
_pdbx_validate_rmsd_angle.angle_value 
_pdbx_validate_rmsd_angle.angle_target_value 
_pdbx_validate_rmsd_angle.angle_deviation 
_pdbx_validate_rmsd_angle.angle_standard_deviation 
_pdbx_validate_rmsd_angle.linker_flag 
1  1 "O4'" A DC 1 ? ? "C4'" A DC 1 ? ? "C3'" A DC 1 ? ? 101.10 104.50 -3.40  0.40 N 
2  1 "C1'" A DC 1 ? ? "O4'" A DC 1 ? ? "C4'" A DC 1 ? ? 115.54 110.30 5.24   0.70 N 
3  1 N1    A DC 1 ? ? "C1'" A DC 1 ? ? "C2'" A DC 1 ? ? 127.24 114.30 12.94  1.40 N 
4  1 "O4'" A DC 1 ? ? "C1'" A DC 1 ? ? N1    A DC 1 ? ? 102.10 108.00 -5.90  0.70 N 
5  1 C2    A DC 1 ? ? N3    A DC 1 ? ? C4    A DC 1 ? ? 123.11 119.90 3.21   0.50 N 
6  1 N3    A DC 1 ? ? C4    A DC 1 ? ? C5    A DC 1 ? ? 118.65 121.90 -3.25  0.40 N 
7  1 N1    A DC 1 ? ? C2    A DC 1 ? ? O2    A DC 1 ? ? 124.20 118.90 5.30   0.60 N 
8  1 C5    A DC 1 ? ? C4    A DC 1 ? ? N4    A DC 1 ? ? 126.70 120.20 6.50   0.70 N 
9  1 OP1   A DG 2 ? ? P     A DG 2 ? ? OP2   A DG 2 ? ? 129.28 119.60 9.68   1.50 N 
10 1 "O5'" A DG 2 ? ? P     A DG 2 ? ? OP2   A DG 2 ? ? 98.57  105.70 -7.13  0.90 N 
11 1 P     A DG 2 ? ? "O5'" A DG 2 ? ? "C5'" A DG 2 ? ? 107.37 120.90 -13.53 1.60 N 
12 1 "O4'" A DG 2 ? ? "C4'" A DG 2 ? ? "C3'" A DG 2 ? ? 101.79 104.50 -2.71  0.40 N 
13 1 "O4'" A DG 2 ? ? "C1'" A DG 2 ? ? N9    A DG 2 ? ? 114.79 108.30 6.49   0.30 N 
14 1 C6    A DG 2 ? ? N1    A DG 2 ? ? C2    A DG 2 ? ? 118.12 125.10 -6.98  0.60 N 
15 1 N1    A DG 2 ? ? C2    A DG 2 ? ? N3    A DG 2 ? ? 130.39 123.90 6.49   0.60 N 
16 1 C5    A DG 2 ? ? C6    A DG 2 ? ? N1    A DG 2 ? ? 118.03 111.50 6.53   0.50 N 
17 1 N3    A DG 2 ? ? C2    A DG 2 ? ? N2    A DG 2 ? ? 109.36 119.90 -10.54 0.70 N 
18 1 C5    A DG 2 ? ? C6    A DG 2 ? ? O6    A DG 2 ? ? 123.20 128.60 -5.40  0.60 N 
19 1 P     A DC 3 ? ? "O5'" A DC 3 ? ? "C5'" A DC 3 ? ? 106.60 120.90 -14.30 1.60 N 
20 1 C2    A DC 3 ? ? N3    A DC 3 ? ? C4    A DC 3 ? ? 125.52 119.90 5.62   0.50 N 
21 1 N3    A DC 3 ? ? C4    A DC 3 ? ? C5    A DC 3 ? ? 116.57 121.90 -5.33  0.40 N 
22 1 N1    A DC 3 ? ? C2    A DC 3 ? ? O2    A DC 3 ? ? 122.51 118.90 3.61   0.60 N 
23 1 "O5'" A DG 4 ? ? "C5'" A DG 4 ? ? "C4'" A DG 4 ? ? 100.43 109.40 -8.97  0.80 N 
24 1 P     A DG 4 ? ? "O5'" A DG 4 ? ? "C5'" A DG 4 ? ? 106.08 120.90 -14.82 1.60 N 
25 1 "O4'" A DG 4 ? ? "C1'" A DG 4 ? ? "C2'" A DG 4 ? ? 100.30 105.90 -5.60  0.80 N 
26 1 C6    A DG 4 ? ? N1    A DG 4 ? ? C2    A DG 4 ? ? 117.63 125.10 -7.47  0.60 N 
27 1 N1    A DG 4 ? ? C2    A DG 4 ? ? N3    A DG 4 ? ? 129.88 123.90 5.98   0.60 N 
28 1 C5    A DG 4 ? ? C6    A DG 4 ? ? N1    A DG 4 ? ? 119.21 111.50 7.71   0.50 N 
29 1 N3    A DG 4 ? ? C2    A DG 4 ? ? N2    A DG 4 ? ? 108.74 119.90 -11.16 0.70 N 
30 1 C5    A DG 4 ? ? C6    A DG 4 ? ? O6    A DG 4 ? ? 122.88 128.60 -5.72  0.60 N 
31 1 "O4'" B DC 5 ? ? "C4'" B DC 5 ? ? "C3'" B DC 5 ? ? 99.47  104.50 -5.03  0.40 N 
32 1 "O4'" B DC 5 ? ? "C1'" B DC 5 ? ? N1    B DC 5 ? ? 102.75 108.00 -5.25  0.70 N 
33 1 C2    B DC 5 ? ? N3    B DC 5 ? ? C4    B DC 5 ? ? 123.78 119.90 3.88   0.50 N 
34 1 N3    B DC 5 ? ? C4    B DC 5 ? ? C5    B DC 5 ? ? 117.29 121.90 -4.61  0.40 N 
35 1 C5    B DC 5 ? ? C6    B DC 5 ? ? N1    B DC 5 ? ? 124.41 121.00 3.41   0.50 N 
36 1 N1    B DC 5 ? ? C2    B DC 5 ? ? O2    B DC 5 ? ? 123.53 118.90 4.63   0.60 N 
37 1 "O5'" B DG 6 ? ? P     B DG 6 ? ? OP1   B DG 6 ? ? 99.25  105.70 -6.45  0.90 N 
38 1 P     B DG 6 ? ? "O5'" B DG 6 ? ? "C5'" B DG 6 ? ? 111.17 120.90 -9.73  1.60 N 
39 1 "O4'" B DG 6 ? ? "C1'" B DG 6 ? ? N9    B DG 6 ? ? 112.50 108.30 4.20   0.30 N 
40 1 C6    B DG 6 ? ? N1    B DG 6 ? ? C2    B DG 6 ? ? 119.57 125.10 -5.53  0.60 N 
41 1 N1    B DG 6 ? ? C2    B DG 6 ? ? N3    B DG 6 ? ? 128.98 123.90 5.08   0.60 N 
42 1 C5    B DG 6 ? ? C6    B DG 6 ? ? N1    B DG 6 ? ? 117.48 111.50 5.98   0.50 N 
43 1 N3    B DG 6 ? ? C2    B DG 6 ? ? N2    B DG 6 ? ? 109.60 119.90 -10.30 0.70 N 
44 1 C5    B DG 6 ? ? C6    B DG 6 ? ? O6    B DG 6 ? ? 123.06 128.60 -5.54  0.60 N 
45 1 "C3'" B DG 6 ? ? "O3'" B DG 6 ? ? P     B DC 7 ? ? 134.35 119.70 14.65  1.20 Y 
46 1 "O5'" B DC 7 ? ? P     B DC 7 ? ? OP1   B DC 7 ? ? 98.19  105.70 -7.51  0.90 N 
47 1 P     B DC 7 ? ? "O5'" B DC 7 ? ? "C5'" B DC 7 ? ? 104.67 120.90 -16.23 1.60 N 
48 1 "O4'" B DC 7 ? ? "C1'" B DC 7 ? ? N1    B DC 7 ? ? 111.35 108.30 3.05   0.30 N 
49 1 N3    B DC 7 ? ? C4    B DC 7 ? ? C5    B DC 7 ? ? 119.16 121.90 -2.74  0.40 N 
50 1 N1    B DC 7 ? ? C2    B DC 7 ? ? O2    B DC 7 ? ? 124.17 118.90 5.27   0.60 N 
51 1 C5    B DC 7 ? ? C4    B DC 7 ? ? N4    B DC 7 ? ? 125.82 120.20 5.62   0.70 N 
52 1 C2    B DC 7 ? ? N1    B DC 7 ? ? "C1'" B DC 7 ? ? 111.99 118.80 -6.81  1.10 N 
53 1 "C3'" B DC 7 ? ? "O3'" B DC 7 ? ? P     B DG 8 ? ? 132.71 119.70 13.01  1.20 Y 
54 1 C6    B DG 8 ? ? N1    B DG 8 ? ? C2    B DG 8 ? ? 117.87 125.10 -7.23  0.60 N 
55 1 N1    B DG 8 ? ? C2    B DG 8 ? ? N3    B DG 8 ? ? 129.56 123.90 5.66   0.60 N 
56 1 C5    B DG 8 ? ? C6    B DG 8 ? ? N1    B DG 8 ? ? 118.48 111.50 6.98   0.50 N 
57 1 N3    B DG 8 ? ? C2    B DG 8 ? ? N2    B DG 8 ? ? 109.53 119.90 -10.37 0.70 N 
58 1 C5    B DG 8 ? ? C6    B DG 8 ? ? O6    B DG 8 ? ? 123.61 128.60 -4.99  0.60 N 
# 
_struct_site_keywords.site_id   1 
_struct_site_keywords.text      BIS-INTERCALATION 
# 
loop_
_refine_B_iso.class 
_refine_B_iso.details 
_refine_B_iso.treatment 
_refine_B_iso.pdbx_refine_id 
'ALL ATOMS'      TR isotropic 'X-RAY DIFFRACTION' 
'ALL DRUG ATOMS' TR isotropic 'X-RAY DIFFRACTION' 
'ALL WATERS'     TR isotropic 'X-RAY DIFFRACTION' 
# 
loop_
_refine_occupancy.class 
_refine_occupancy.treatment 
_refine_occupancy.pdbx_refine_id 
'ALL ATOMS'      fix 'X-RAY DIFFRACTION' 
'ALL DRUG ATOMS' fix 'X-RAY DIFFRACTION' 
'ALL WATERS'     fix 'X-RAY DIFFRACTION' 
# 
loop_
_chem_comp_atom.comp_id 
_chem_comp_atom.atom_id 
_chem_comp_atom.type_symbol 
_chem_comp_atom.pdbx_aromatic_flag 
_chem_comp_atom.pdbx_stereo_config 
_chem_comp_atom.pdbx_ordinal 
DC  OP3    O N N 1   
DC  P      P N N 2   
DC  OP1    O N N 3   
DC  OP2    O N N 4   
DC  "O5'"  O N N 5   
DC  "C5'"  C N N 6   
DC  "C4'"  C N R 7   
DC  "O4'"  O N N 8   
DC  "C3'"  C N S 9   
DC  "O3'"  O N N 10  
DC  "C2'"  C N N 11  
DC  "C1'"  C N R 12  
DC  N1     N N N 13  
DC  C2     C N N 14  
DC  O2     O N N 15  
DC  N3     N N N 16  
DC  C4     C N N 17  
DC  N4     N N N 18  
DC  C5     C N N 19  
DC  C6     C N N 20  
DC  HOP3   H N N 21  
DC  HOP2   H N N 22  
DC  "H5'"  H N N 23  
DC  "H5''" H N N 24  
DC  "H4'"  H N N 25  
DC  "H3'"  H N N 26  
DC  "HO3'" H N N 27  
DC  "H2'"  H N N 28  
DC  "H2''" H N N 29  
DC  "H1'"  H N N 30  
DC  H41    H N N 31  
DC  H42    H N N 32  
DC  H5     H N N 33  
DC  H6     H N N 34  
DG  OP3    O N N 35  
DG  P      P N N 36  
DG  OP1    O N N 37  
DG  OP2    O N N 38  
DG  "O5'"  O N N 39  
DG  "C5'"  C N N 40  
DG  "C4'"  C N R 41  
DG  "O4'"  O N N 42  
DG  "C3'"  C N S 43  
DG  "O3'"  O N N 44  
DG  "C2'"  C N N 45  
DG  "C1'"  C N R 46  
DG  N9     N Y N 47  
DG  C8     C Y N 48  
DG  N7     N Y N 49  
DG  C5     C Y N 50  
DG  C6     C N N 51  
DG  O6     O N N 52  
DG  N1     N N N 53  
DG  C2     C N N 54  
DG  N2     N N N 55  
DG  N3     N N N 56  
DG  C4     C Y N 57  
DG  HOP3   H N N 58  
DG  HOP2   H N N 59  
DG  "H5'"  H N N 60  
DG  "H5''" H N N 61  
DG  "H4'"  H N N 62  
DG  "H3'"  H N N 63  
DG  "HO3'" H N N 64  
DG  "H2'"  H N N 65  
DG  "H2''" H N N 66  
DG  "H1'"  H N N 67  
DG  H8     H N N 68  
DG  H1     H N N 69  
DG  H21    H N N 70  
DG  H22    H N N 71  
DIT C1     C Y N 72  
DIT N2     N Y N 73  
DIT C3     C Y N 74  
DIT C4     C Y N 75  
DIT C5     C Y N 76  
DIT C6     C Y N 77  
DIT N7     N Y N 78  
DIT C8     C Y N 79  
DIT C9     C Y N 80  
DIT C10    C Y N 81  
DIT O10    O N N 82  
DIT C11    C Y N 83  
DIT C12    C Y N 84  
DIT C13    C Y N 85  
DIT C14    C Y N 86  
DIT C15    C Y N 87  
DIT C16    C Y N 88  
DIT C17    C Y N 89  
DIT C18    C N N 90  
DIT C19    C N N 91  
DIT C20    C N N 92  
DIT N21    N N N 93  
DIT C22    C N N 94  
DIT C23    C N N 95  
DIT C24    C N N 96  
DIT C25    C N N 97  
DIT C26    C N N 98  
DIT C1X    C Y N 99  
DIT N2X    N Y N 100 
DIT C3X    C Y N 101 
DIT C4X    C Y N 102 
DIT C5X    C Y N 103 
DIT C6X    C Y N 104 
DIT N7X    N Y N 105 
DIT C8X    C Y N 106 
DIT C9X    C Y N 107 
DIT CAX    C Y N 108 
DIT OAX    O N N 109 
DIT CBX    C Y N 110 
DIT CCX    C Y N 111 
DIT CDX    C Y N 112 
DIT CEX    C Y N 113 
DIT CFX    C Y N 114 
DIT CGX    C Y N 115 
DIT CHX    C Y N 116 
DIT CIX    C N N 117 
DIT CJX    C N N 118 
DIT CKX    C N N 119 
DIT NLX    N N N 120 
DIT CMX    C N N 121 
DIT CNX    C N N 122 
DIT COX    C N N 123 
DIT CPX    C N N 124 
DIT CQX    C N N 125 
DIT H1     H N N 126 
DIT H3     H N N 127 
DIT H4     H N N 128 
DIT H5     H N N 129 
DIT H6     H N N 130 
DIT HN7    H N N 131 
DIT H8     H N N 132 
DIT H9     H N N 133 
DIT H11    H N N 134 
DIT H181   H N N 135 
DIT H182   H N N 136 
DIT H183   H N N 137 
DIT H191   H N N 138 
DIT H192   H N N 139 
DIT H201   H N N 140 
DIT H202   H N N 141 
DIT H221   H N N 142 
DIT H222   H N N 143 
DIT H231   H N N 144 
DIT H232   H N N 145 
DIT H24    H N N 146 
DIT H251   H N N 147 
DIT H252   H N N 148 
DIT H261   H N N 149 
DIT H262   H N N 150 
DIT H1X    H N N 151 
DIT H3X    H N N 152 
DIT H4X    H N N 153 
DIT H5X    H N N 154 
DIT H6X    H N N 155 
DIT HN7X   H N N 156 
DIT H8X    H N N 157 
DIT H9X    H N N 158 
DIT H11X   H N N 159 
DIT HX81   H N N 160 
DIT HX82   H N N 161 
DIT HX83   H N N 162 
DIT HX91   H N N 163 
DIT HX92   H N N 164 
DIT HX01   H N N 165 
DIT HX02   H N N 166 
DIT HX21   H N N 167 
DIT HX22   H N N 168 
DIT HX31   H N N 169 
DIT HX32   H N N 170 
DIT H24X   H N N 171 
DIT HX51   H N N 172 
DIT HX52   H N N 173 
DIT HX61   H N N 174 
DIT HX62   H N N 175 
HOH O      O N N 176 
HOH H1     H N N 177 
HOH H2     H N N 178 
# 
loop_
_chem_comp_bond.comp_id 
_chem_comp_bond.atom_id_1 
_chem_comp_bond.atom_id_2 
_chem_comp_bond.value_order 
_chem_comp_bond.pdbx_aromatic_flag 
_chem_comp_bond.pdbx_stereo_config 
_chem_comp_bond.pdbx_ordinal 
DC  OP3   P      sing N N 1   
DC  OP3   HOP3   sing N N 2   
DC  P     OP1    doub N N 3   
DC  P     OP2    sing N N 4   
DC  P     "O5'"  sing N N 5   
DC  OP2   HOP2   sing N N 6   
DC  "O5'" "C5'"  sing N N 7   
DC  "C5'" "C4'"  sing N N 8   
DC  "C5'" "H5'"  sing N N 9   
DC  "C5'" "H5''" sing N N 10  
DC  "C4'" "O4'"  sing N N 11  
DC  "C4'" "C3'"  sing N N 12  
DC  "C4'" "H4'"  sing N N 13  
DC  "O4'" "C1'"  sing N N 14  
DC  "C3'" "O3'"  sing N N 15  
DC  "C3'" "C2'"  sing N N 16  
DC  "C3'" "H3'"  sing N N 17  
DC  "O3'" "HO3'" sing N N 18  
DC  "C2'" "C1'"  sing N N 19  
DC  "C2'" "H2'"  sing N N 20  
DC  "C2'" "H2''" sing N N 21  
DC  "C1'" N1     sing N N 22  
DC  "C1'" "H1'"  sing N N 23  
DC  N1    C2     sing N N 24  
DC  N1    C6     sing N N 25  
DC  C2    O2     doub N N 26  
DC  C2    N3     sing N N 27  
DC  N3    C4     doub N N 28  
DC  C4    N4     sing N N 29  
DC  C4    C5     sing N N 30  
DC  N4    H41    sing N N 31  
DC  N4    H42    sing N N 32  
DC  C5    C6     doub N N 33  
DC  C5    H5     sing N N 34  
DC  C6    H6     sing N N 35  
DG  OP3   P      sing N N 36  
DG  OP3   HOP3   sing N N 37  
DG  P     OP1    doub N N 38  
DG  P     OP2    sing N N 39  
DG  P     "O5'"  sing N N 40  
DG  OP2   HOP2   sing N N 41  
DG  "O5'" "C5'"  sing N N 42  
DG  "C5'" "C4'"  sing N N 43  
DG  "C5'" "H5'"  sing N N 44  
DG  "C5'" "H5''" sing N N 45  
DG  "C4'" "O4'"  sing N N 46  
DG  "C4'" "C3'"  sing N N 47  
DG  "C4'" "H4'"  sing N N 48  
DG  "O4'" "C1'"  sing N N 49  
DG  "C3'" "O3'"  sing N N 50  
DG  "C3'" "C2'"  sing N N 51  
DG  "C3'" "H3'"  sing N N 52  
DG  "O3'" "HO3'" sing N N 53  
DG  "C2'" "C1'"  sing N N 54  
DG  "C2'" "H2'"  sing N N 55  
DG  "C2'" "H2''" sing N N 56  
DG  "C1'" N9     sing N N 57  
DG  "C1'" "H1'"  sing N N 58  
DG  N9    C8     sing Y N 59  
DG  N9    C4     sing Y N 60  
DG  C8    N7     doub Y N 61  
DG  C8    H8     sing N N 62  
DG  N7    C5     sing Y N 63  
DG  C5    C6     sing N N 64  
DG  C5    C4     doub Y N 65  
DG  C6    O6     doub N N 66  
DG  C6    N1     sing N N 67  
DG  N1    C2     sing N N 68  
DG  N1    H1     sing N N 69  
DG  C2    N2     sing N N 70  
DG  C2    N3     doub N N 71  
DG  N2    H21    sing N N 72  
DG  N2    H22    sing N N 73  
DG  N3    C4     sing N N 74  
DIT C1    N2     doub Y N 75  
DIT C1    C17    sing Y N 76  
DIT C1    H1     sing N N 77  
DIT N2    C3     sing Y N 78  
DIT N2    C19    sing N N 79  
DIT C3    C4     doub Y N 80  
DIT C3    H3     sing N N 81  
DIT C4    C12    sing Y N 82  
DIT C4    H4     sing N N 83  
DIT C5    C6     doub Y N 84  
DIT C5    C12    sing Y N 85  
DIT C5    H5     sing N N 86  
DIT C6    C13    sing Y N 87  
DIT C6    H6     sing N N 88  
DIT N7    C13    sing Y N 89  
DIT N7    C14    sing Y N 90  
DIT N7    HN7    sing N N 91  
DIT C8    C9     doub Y N 92  
DIT C8    C14    sing Y N 93  
DIT C8    H8     sing N N 94  
DIT C9    C10    sing Y N 95  
DIT C9    H9     sing N N 96  
DIT C10   O10    sing N N 97  
DIT C10   C11    doub Y N 98  
DIT O10   C18    sing N N 99  
DIT C11   C15    sing Y N 100 
DIT C11   H11    sing N N 101 
DIT C12   C17    doub Y N 102 
DIT C13   C16    doub Y N 103 
DIT C14   C15    doub Y N 104 
DIT C15   C16    sing Y N 105 
DIT C16   C17    sing Y N 106 
DIT C18   H181   sing N N 107 
DIT C18   H182   sing N N 108 
DIT C18   H183   sing N N 109 
DIT C19   C20    sing N N 110 
DIT C19   H191   sing N N 111 
DIT C19   H192   sing N N 112 
DIT C20   N21    sing N N 113 
DIT C20   H201   sing N N 114 
DIT C20   H202   sing N N 115 
DIT N21   C22    sing N N 116 
DIT N21   C26    sing N N 117 
DIT C22   C23    sing N N 118 
DIT C22   H221   sing N N 119 
DIT C22   H222   sing N N 120 
DIT C23   C24    sing N N 121 
DIT C23   H231   sing N N 122 
DIT C23   H232   sing N N 123 
DIT C24   C25    sing N N 124 
DIT C24   COX    sing N N 125 
DIT C24   H24    sing N N 126 
DIT C25   C26    sing N N 127 
DIT C25   H251   sing N N 128 
DIT C25   H252   sing N N 129 
DIT C26   H261   sing N N 130 
DIT C26   H262   sing N N 131 
DIT C1X   N2X    doub Y N 132 
DIT C1X   CHX    sing Y N 133 
DIT C1X   H1X    sing N N 134 
DIT N2X   C3X    sing Y N 135 
DIT N2X   CJX    sing N N 136 
DIT C3X   C4X    doub Y N 137 
DIT C3X   H3X    sing N N 138 
DIT C4X   CCX    sing Y N 139 
DIT C4X   H4X    sing N N 140 
DIT C5X   C6X    doub Y N 141 
DIT C5X   CCX    sing Y N 142 
DIT C5X   H5X    sing N N 143 
DIT C6X   CDX    sing Y N 144 
DIT C6X   H6X    sing N N 145 
DIT N7X   CDX    sing Y N 146 
DIT N7X   CEX    sing Y N 147 
DIT N7X   HN7X   sing N N 148 
DIT C8X   C9X    doub Y N 149 
DIT C8X   CEX    sing Y N 150 
DIT C8X   H8X    sing N N 151 
DIT C9X   CAX    sing Y N 152 
DIT C9X   H9X    sing N N 153 
DIT CAX   OAX    sing N N 154 
DIT CAX   CBX    doub Y N 155 
DIT OAX   CIX    sing N N 156 
DIT CBX   CFX    sing Y N 157 
DIT CBX   H11X   sing N N 158 
DIT CCX   CHX    doub Y N 159 
DIT CDX   CGX    doub Y N 160 
DIT CEX   CFX    doub Y N 161 
DIT CFX   CGX    sing Y N 162 
DIT CGX   CHX    sing Y N 163 
DIT CIX   HX81   sing N N 164 
DIT CIX   HX82   sing N N 165 
DIT CIX   HX83   sing N N 166 
DIT CJX   CKX    sing N N 167 
DIT CJX   HX91   sing N N 168 
DIT CJX   HX92   sing N N 169 
DIT CKX   NLX    sing N N 170 
DIT CKX   HX01   sing N N 171 
DIT CKX   HX02   sing N N 172 
DIT NLX   CMX    sing N N 173 
DIT NLX   CQX    sing N N 174 
DIT CMX   CNX    sing N N 175 
DIT CMX   HX21   sing N N 176 
DIT CMX   HX22   sing N N 177 
DIT CNX   COX    sing N N 178 
DIT CNX   HX31   sing N N 179 
DIT CNX   HX32   sing N N 180 
DIT COX   CPX    sing N N 181 
DIT COX   H24X   sing N N 182 
DIT CPX   CQX    sing N N 183 
DIT CPX   HX51   sing N N 184 
DIT CPX   HX52   sing N N 185 
DIT CQX   HX61   sing N N 186 
DIT CQX   HX62   sing N N 187 
HOH O     H1     sing N N 188 
HOH O     H2     sing N N 189 
# 
_ndb_struct_conf_na.entry_id   1D32 
_ndb_struct_conf_na.feature    'b-form double helix' 
# 
loop_
_ndb_struct_na_base_pair.model_number 
_ndb_struct_na_base_pair.i_label_asym_id 
_ndb_struct_na_base_pair.i_label_comp_id 
_ndb_struct_na_base_pair.i_label_seq_id 
_ndb_struct_na_base_pair.i_symmetry 
_ndb_struct_na_base_pair.j_label_asym_id 
_ndb_struct_na_base_pair.j_label_comp_id 
_ndb_struct_na_base_pair.j_label_seq_id 
_ndb_struct_na_base_pair.j_symmetry 
_ndb_struct_na_base_pair.shear 
_ndb_struct_na_base_pair.stretch 
_ndb_struct_na_base_pair.stagger 
_ndb_struct_na_base_pair.buckle 
_ndb_struct_na_base_pair.propeller 
_ndb_struct_na_base_pair.opening 
_ndb_struct_na_base_pair.pair_number 
_ndb_struct_na_base_pair.pair_name 
_ndb_struct_na_base_pair.i_auth_asym_id 
_ndb_struct_na_base_pair.i_auth_seq_id 
_ndb_struct_na_base_pair.i_PDB_ins_code 
_ndb_struct_na_base_pair.j_auth_asym_id 
_ndb_struct_na_base_pair.j_auth_seq_id 
_ndb_struct_na_base_pair.j_PDB_ins_code 
_ndb_struct_na_base_pair.hbond_type_28 
_ndb_struct_na_base_pair.hbond_type_12 
1 A DC 1 1_555 B DG 4 1_555 0.105  -0.150 0.077  -4.617 -7.918 3.109  1 A_DC1:DG8_B A 1 ? B 8 ? 19 1 
1 A DG 2 1_555 B DC 3 1_555 -0.161 -0.246 -0.457 -6.748 1.251  1.489  2 A_DG2:DC7_B A 2 ? B 7 ? 19 1 
1 A DC 3 1_555 B DG 2 1_555 0.100  -0.317 -0.084 -5.517 8.242  -1.180 3 A_DC3:DG6_B A 3 ? B 6 ? 19 1 
1 A DG 4 1_555 B DC 1 1_555 0.005  -0.276 0.000  -4.803 -5.227 0.229  4 A_DG4:DC5_B A 4 ? B 5 ? 19 1 
# 
loop_
_ndb_struct_na_base_pair_step.model_number 
_ndb_struct_na_base_pair_step.i_label_asym_id_1 
_ndb_struct_na_base_pair_step.i_label_comp_id_1 
_ndb_struct_na_base_pair_step.i_label_seq_id_1 
_ndb_struct_na_base_pair_step.i_symmetry_1 
_ndb_struct_na_base_pair_step.j_label_asym_id_1 
_ndb_struct_na_base_pair_step.j_label_comp_id_1 
_ndb_struct_na_base_pair_step.j_label_seq_id_1 
_ndb_struct_na_base_pair_step.j_symmetry_1 
_ndb_struct_na_base_pair_step.i_label_asym_id_2 
_ndb_struct_na_base_pair_step.i_label_comp_id_2 
_ndb_struct_na_base_pair_step.i_label_seq_id_2 
_ndb_struct_na_base_pair_step.i_symmetry_2 
_ndb_struct_na_base_pair_step.j_label_asym_id_2 
_ndb_struct_na_base_pair_step.j_label_comp_id_2 
_ndb_struct_na_base_pair_step.j_label_seq_id_2 
_ndb_struct_na_base_pair_step.j_symmetry_2 
_ndb_struct_na_base_pair_step.shift 
_ndb_struct_na_base_pair_step.slide 
_ndb_struct_na_base_pair_step.rise 
_ndb_struct_na_base_pair_step.tilt 
_ndb_struct_na_base_pair_step.roll 
_ndb_struct_na_base_pair_step.twist 
_ndb_struct_na_base_pair_step.x_displacement 
_ndb_struct_na_base_pair_step.y_displacement 
_ndb_struct_na_base_pair_step.helical_rise 
_ndb_struct_na_base_pair_step.inclination 
_ndb_struct_na_base_pair_step.tip 
_ndb_struct_na_base_pair_step.helical_twist 
_ndb_struct_na_base_pair_step.step_number 
_ndb_struct_na_base_pair_step.step_name 
_ndb_struct_na_base_pair_step.i_auth_asym_id_1 
_ndb_struct_na_base_pair_step.i_auth_seq_id_1 
_ndb_struct_na_base_pair_step.i_PDB_ins_code_1 
_ndb_struct_na_base_pair_step.j_auth_asym_id_1 
_ndb_struct_na_base_pair_step.j_auth_seq_id_1 
_ndb_struct_na_base_pair_step.j_PDB_ins_code_1 
_ndb_struct_na_base_pair_step.i_auth_asym_id_2 
_ndb_struct_na_base_pair_step.i_auth_seq_id_2 
_ndb_struct_na_base_pair_step.i_PDB_ins_code_2 
_ndb_struct_na_base_pair_step.j_auth_asym_id_2 
_ndb_struct_na_base_pair_step.j_auth_seq_id_2 
_ndb_struct_na_base_pair_step.j_PDB_ins_code_2 
1 A DC 1 1_555 B DG 4 1_555 A DG 2 1_555 B DC 3 1_555 -0.010 -0.125 6.913 2.185  -0.616 22.362 0.159  1.729  6.881 -1.583  -5.616 
22.476 1 AA_DC1DG2:DC7DG8_BB A 1 ? B 8 ? A 2 ? B 7 ? 
1 A DG 2 1_555 B DC 3 1_555 A DC 3 1_555 B DG 2 1_555 0.204  0.282  3.616 -3.841 -8.564 28.951 2.411  -1.230 3.344 -16.589 7.440  
30.404 2 AA_DG2DC3:DG6DC7_BB A 2 ? B 7 ? A 3 ? B 6 ? 
1 A DC 3 1_555 B DG 2 1_555 A DG 4 1_555 B DC 1 1_555 -0.750 -0.469 6.740 -0.257 -0.977 20.884 -0.433 1.840  6.763 -2.694  0.709  
20.908 3 AA_DC3DG4:DC5DG6_BB A 3 ? B 6 ? A 4 ? B 5 ? 
# 
_atom_sites.entry_id                    1D32 
_atom_sites.fract_transf_matrix[1][1]   0.03246467 
_atom_sites.fract_transf_matrix[1][2]   0.01109522 
_atom_sites.fract_transf_matrix[1][3]   -0.01438506 
_atom_sites.fract_transf_matrix[2][1]   -0.01806780 
_atom_sites.fract_transf_matrix[2][2]   0.02279100 
_atom_sites.fract_transf_matrix[2][3]   -0.02319728 
_atom_sites.fract_transf_matrix[3][1]   0.00061647 
_atom_sites.fract_transf_matrix[3][2]   0.00886161 
_atom_sites.fract_transf_matrix[3][3]   0.00822625 
_atom_sites.fract_transf_vector[1]      0.990165 
_atom_sites.fract_transf_vector[2]      0.469819 
_atom_sites.fract_transf_vector[3]      0.133446 
# 
loop_
_atom_type.symbol 
C 
N 
O 
P 
# 
loop_
_atom_site.group_PDB 
_atom_site.id 
_atom_site.type_symbol 
_atom_site.label_atom_id 
_atom_site.label_alt_id 
_atom_site.label_comp_id 
_atom_site.label_asym_id 
_atom_site.label_entity_id 
_atom_site.label_seq_id 
_atom_site.pdbx_PDB_ins_code 
_atom_site.Cartn_x 
_atom_site.Cartn_y 
_atom_site.Cartn_z 
_atom_site.occupancy 
_atom_site.B_iso_or_equiv 
_atom_site.pdbx_formal_charge 
_atom_site.auth_seq_id 
_atom_site.auth_comp_id 
_atom_site.auth_asym_id 
_atom_site.auth_atom_id 
_atom_site.pdbx_PDB_model_num 
ATOM   1   O "O5'" . DC  A 1 1 ? 1.478   12.132  -0.237 1.00 23.97 ? 1  DC  A "O5'" 1 
ATOM   2   C "C5'" . DC  A 1 1 ? 2.416   11.167  -0.643 1.00 23.64 ? 1  DC  A "C5'" 1 
ATOM   3   C "C4'" . DC  A 1 1 ? 3.614   10.850  0.229  1.00 23.10 ? 1  DC  A "C4'" 1 
ATOM   4   O "O4'" . DC  A 1 1 ? 3.317   10.873  1.612  1.00 22.32 ? 1  DC  A "O4'" 1 
ATOM   5   C "C3'" . DC  A 1 1 ? 4.135   9.392   0.058  1.00 23.29 ? 1  DC  A "C3'" 1 
ATOM   6   O "O3'" . DC  A 1 1 ? 5.129   9.402   -0.951 1.00 24.92 ? 1  DC  A "O3'" 1 
ATOM   7   C "C2'" . DC  A 1 1 ? 4.468   8.906   1.456  1.00 21.79 ? 1  DC  A "C2'" 1 
ATOM   8   C "C1'" . DC  A 1 1 ? 3.407   9.613   2.283  1.00 20.16 ? 1  DC  A "C1'" 1 
ATOM   9   N N1    . DC  A 1 1 ? 1.966   9.230   2.426  1.00 18.73 ? 1  DC  A N1    1 
ATOM   10  C C2    . DC  A 1 1 ? 1.771   8.195   3.289  1.00 18.28 ? 1  DC  A C2    1 
ATOM   11  O O2    . DC  A 1 1 ? 2.668   7.561   3.807  1.00 17.93 ? 1  DC  A O2    1 
ATOM   12  N N3    . DC  A 1 1 ? 0.464   7.811   3.532  1.00 18.01 ? 1  DC  A N3    1 
ATOM   13  C C4    . DC  A 1 1 ? -0.619  8.452   2.985  1.00 17.64 ? 1  DC  A C4    1 
ATOM   14  N N4    . DC  A 1 1 ? -1.829  7.942   3.357  1.00 17.83 ? 1  DC  A N4    1 
ATOM   15  C C5    . DC  A 1 1 ? -0.396  9.561   2.150  1.00 18.18 ? 1  DC  A C5    1 
ATOM   16  C C6    . DC  A 1 1 ? 0.881   9.918   1.925  1.00 18.09 ? 1  DC  A C6    1 
ATOM   17  P P     . DG  A 1 2 ? 4.957   8.233   -2.073 1.00 26.16 ? 2  DG  A P     1 
ATOM   18  O OP1   . DG  A 1 2 ? 6.348   8.094   -2.539 1.00 25.67 ? 2  DG  A OP1   1 
ATOM   19  O OP2   . DG  A 1 2 ? 3.802   8.585   -2.803 1.00 24.85 ? 2  DG  A OP2   1 
ATOM   20  O "O5'" . DG  A 1 2 ? 4.364   6.894   -1.303 1.00 24.78 ? 2  DG  A "O5'" 1 
ATOM   21  C "C5'" . DG  A 1 2 ? 5.411   6.372   -0.491 1.00 24.00 ? 2  DG  A "C5'" 1 
ATOM   22  C "C4'" . DG  A 1 2 ? 5.910   5.039   -0.879 1.00 23.09 ? 2  DG  A "C4'" 1 
ATOM   23  O "O4'" . DG  A 1 2 ? 4.896   4.041   -0.713 1.00 22.41 ? 2  DG  A "O4'" 1 
ATOM   24  C "C3'" . DG  A 1 2 ? 6.224   4.922   -2.395 1.00 23.30 ? 2  DG  A "C3'" 1 
ATOM   25  O "O3'" . DG  A 1 2 ? 7.165   3.848   -2.524 1.00 24.09 ? 2  DG  A "O3'" 1 
ATOM   26  C "C2'" . DG  A 1 2 ? 4.914   4.598   -3.029 1.00 22.43 ? 2  DG  A "C2'" 1 
ATOM   27  C "C1'" . DG  A 1 2 ? 4.272   3.682   -1.933 1.00 21.17 ? 2  DG  A "C1'" 1 
ATOM   28  N N9    . DG  A 1 2 ? 2.866   3.791   -1.933 1.00 20.29 ? 2  DG  A N9    1 
ATOM   29  C C8    . DG  A 1 2 ? 2.081   4.639   -2.606 1.00 20.06 ? 2  DG  A C8    1 
ATOM   30  N N7    . DG  A 1 2 ? 0.771   4.464   -2.403 1.00 19.69 ? 2  DG  A N7    1 
ATOM   31  C C5    . DG  A 1 2 ? 0.738   3.409   -1.544 1.00 19.82 ? 2  DG  A C5    1 
ATOM   32  C C6    . DG  A 1 2 ? -0.352  2.717   -0.947 1.00 19.70 ? 2  DG  A C6    1 
ATOM   33  O O6    . DG  A 1 2 ? -1.559  3.033   -1.137 1.00 19.95 ? 2  DG  A O6    1 
ATOM   34  N N1    . DG  A 1 2 ? -0.077  1.677   -0.153 1.00 19.43 ? 2  DG  A N1    1 
ATOM   35  C C2    . DG  A 1 2 ? 1.213   1.347   0.034  1.00 19.39 ? 2  DG  A C2    1 
ATOM   36  N N2    . DG  A 1 2 ? 1.512   0.400   0.764  1.00 19.44 ? 2  DG  A N2    1 
ATOM   37  N N3    . DG  A 1 2 ? 2.323   1.898   -0.449 1.00 19.52 ? 2  DG  A N3    1 
ATOM   38  C C4    . DG  A 1 2 ? 1.995   2.938   -1.241 1.00 19.73 ? 2  DG  A C4    1 
ATOM   39  P P     . DC  A 1 3 ? 7.890   3.758   -3.927 1.00 24.59 ? 3  DC  A P     1 
ATOM   40  O OP1   . DC  A 1 3 ? 9.279   3.737   -3.693 1.00 23.88 ? 3  DC  A OP1   1 
ATOM   41  O OP2   . DC  A 1 3 ? 7.205   4.769   -4.783 1.00 24.52 ? 3  DC  A OP2   1 
ATOM   42  O "O5'" . DC  A 1 3 ? 7.659   2.226   -4.484 1.00 23.90 ? 3  DC  A "O5'" 1 
ATOM   43  C "C5'" . DC  A 1 3 ? 8.089   1.350   -3.451 1.00 23.57 ? 3  DC  A "C5'" 1 
ATOM   44  C "C4'" . DC  A 1 3 ? 7.113   0.270   -3.115 1.00 22.88 ? 3  DC  A "C4'" 1 
ATOM   45  O "O4'" . DC  A 1 3 ? 5.797   0.828   -2.838 1.00 22.53 ? 3  DC  A "O4'" 1 
ATOM   46  C "C3'" . DC  A 1 3 ? 6.815   -0.900  -4.092 1.00 22.47 ? 3  DC  A "C3'" 1 
ATOM   47  O "O3'" . DC  A 1 3 ? 7.670   -1.976  -3.702 1.00 22.35 ? 3  DC  A "O3'" 1 
ATOM   48  C "C2'" . DC  A 1 3 ? 5.397   -1.323  -3.761 1.00 22.08 ? 3  DC  A "C2'" 1 
ATOM   49  C "C1'" . DC  A 1 3 ? 4.896   -0.287  -2.737 1.00 21.28 ? 3  DC  A "C1'" 1 
ATOM   50  N N1    . DC  A 1 3 ? 3.591   0.207   -3.305 1.00 20.59 ? 3  DC  A N1    1 
ATOM   51  C C2    . DC  A 1 3 ? 2.482   -0.441  -2.901 1.00 20.18 ? 3  DC  A C2    1 
ATOM   52  O O2    . DC  A 1 3 ? 2.515   -1.362  -2.106 1.00 20.52 ? 3  DC  A O2    1 
ATOM   53  N N3    . DC  A 1 3 ? 1.311   0.016   -3.427 1.00 20.05 ? 3  DC  A N3    1 
ATOM   54  C C4    . DC  A 1 3 ? 1.190   1.038   -4.337 1.00 20.11 ? 3  DC  A C4    1 
ATOM   55  N N4    . DC  A 1 3 ? -0.024  1.410   -4.829 1.00 19.98 ? 3  DC  A N4    1 
ATOM   56  C C5    . DC  A 1 3 ? 2.391   1.681   -4.731 1.00 20.34 ? 3  DC  A C5    1 
ATOM   57  C C6    . DC  A 1 3 ? 3.544   1.243   -4.211 1.00 20.32 ? 3  DC  A C6    1 
ATOM   58  P P     . DG  A 1 4 ? 7.743   -3.344  -4.508 1.00 21.15 ? 4  DG  A P     1 
ATOM   59  O OP1   . DG  A 1 4 ? 9.011   -3.959  -4.062 1.00 21.65 ? 4  DG  A OP1   1 
ATOM   60  O OP2   . DG  A 1 4 ? 7.439   -2.894  -5.834 1.00 21.86 ? 4  DG  A OP2   1 
ATOM   61  O "O5'" . DG  A 1 4 ? 6.505   -4.356  -4.237 1.00 20.60 ? 4  DG  A "O5'" 1 
ATOM   62  C "C5'" . DG  A 1 4 ? 6.837   -5.086  -2.989 1.00 18.64 ? 4  DG  A "C5'" 1 
ATOM   63  C "C4'" . DG  A 1 4 ? 5.984   -6.373  -3.180 1.00 18.18 ? 4  DG  A "C4'" 1 
ATOM   64  O "O4'" . DG  A 1 4 ? 4.782   -6.115  -3.903 1.00 17.31 ? 4  DG  A "O4'" 1 
ATOM   65  C "C3'" . DG  A 1 4 ? 6.775   -7.389  -4.078 1.00 18.25 ? 4  DG  A "C3'" 1 
ATOM   66  O "O3'" . DG  A 1 4 ? 6.593   -8.648  -3.499 1.00 19.53 ? 4  DG  A "O3'" 1 
ATOM   67  C "C2'" . DG  A 1 4 ? 6.228   -7.104  -5.475 1.00 17.60 ? 4  DG  A "C2'" 1 
ATOM   68  C "C1'" . DG  A 1 4 ? 4.689   -6.972  -5.099 1.00 16.41 ? 4  DG  A "C1'" 1 
ATOM   69  N N9    . DG  A 1 4 ? 3.887   -6.330  -6.073 1.00 15.43 ? 4  DG  A N9    1 
ATOM   70  C C8    . DG  A 1 4 ? 4.217   -5.443  -7.027 1.00 14.64 ? 4  DG  A C8    1 
ATOM   71  N N7    . DG  A 1 4 ? 3.174   -5.006  -7.725 1.00 14.58 ? 4  DG  A N7    1 
ATOM   72  C C5    . DG  A 1 4 ? 2.113   -5.672  -7.171 1.00 14.59 ? 4  DG  A C5    1 
ATOM   73  C C6    . DG  A 1 4 ? 0.725   -5.676  -7.463 1.00 14.68 ? 4  DG  A C6    1 
ATOM   74  O O6    . DG  A 1 4 ? 0.216   -4.967  -8.371 1.00 15.30 ? 4  DG  A O6    1 
ATOM   75  N N1    . DG  A 1 4 ? -0.091  -6.455  -6.745 1.00 14.29 ? 4  DG  A N1    1 
ATOM   76  C C2    . DG  A 1 4 ? 0.452   -7.191  -5.773 1.00 14.29 ? 4  DG  A C2    1 
ATOM   77  N N2    . DG  A 1 4 ? -0.234  -7.946  -5.080 1.00 14.22 ? 4  DG  A N2    1 
ATOM   78  N N3    . DG  A 1 4 ? 1.726   -7.291  -5.385 1.00 14.64 ? 4  DG  A N3    1 
ATOM   79  C C4    . DG  A 1 4 ? 2.509   -6.493  -6.146 1.00 14.76 ? 4  DG  A C4    1 
ATOM   80  O "O5'" . DC  B 1 1 ? -9.015  -6.505  -6.253 1.00 16.94 ? 5  DC  B "O5'" 1 
ATOM   81  C "C5'" . DC  B 1 1 ? -9.318  -7.808  -5.775 1.00 16.78 ? 5  DC  B "C5'" 1 
ATOM   82  C "C4'" . DC  B 1 1 ? -8.034  -8.309  -5.125 1.00 16.73 ? 5  DC  B "C4'" 1 
ATOM   83  O "O4'" . DC  B 1 1 ? -7.009  -8.169  -6.118 1.00 16.16 ? 5  DC  B "O4'" 1 
ATOM   84  C "C3'" . DC  B 1 1 ? -7.402  -7.495  -3.995 1.00 17.81 ? 5  DC  B "C3'" 1 
ATOM   85  O "O3'" . DC  B 1 1 ? -8.090  -7.761  -2.745 1.00 20.33 ? 5  DC  B "O3'" 1 
ATOM   86  C "C2'" . DC  B 1 1 ? -5.952  -7.991  -4.020 1.00 16.61 ? 5  DC  B "C2'" 1 
ATOM   87  C "C1'" . DC  B 1 1 ? -5.682  -8.252  -5.509 1.00 14.94 ? 5  DC  B "C1'" 1 
ATOM   88  N N1    . DC  B 1 1 ? -4.874  -7.298  -6.342 1.00 13.44 ? 5  DC  B N1    1 
ATOM   89  C C2    . DC  B 1 1 ? -3.539  -7.364  -6.237 1.00 13.62 ? 5  DC  B C2    1 
ATOM   90  O O2    . DC  B 1 1 ? -2.961  -8.109  -5.466 1.00 14.59 ? 5  DC  B O2    1 
ATOM   91  N N3    . DC  B 1 1 ? -2.796  -6.493  -6.989 1.00 13.29 ? 5  DC  B N3    1 
ATOM   92  C C4    . DC  B 1 1 ? -3.338  -5.606  -7.890 1.00 13.12 ? 5  DC  B C4    1 
ATOM   93  N N4    . DC  B 1 1 ? -2.514  -4.823  -8.638 1.00 13.23 ? 5  DC  B N4    1 
ATOM   94  C C5    . DC  B 1 1 ? -4.734  -5.593  -8.019 1.00 13.43 ? 5  DC  B C5    1 
ATOM   95  C C6    . DC  B 1 1 ? -5.433  -6.424  -7.229 1.00 13.41 ? 5  DC  B C6    1 
ATOM   96  P P     . DG  B 1 2 ? -8.349  -6.469  -1.844 1.00 22.18 ? 6  DG  B P     1 
ATOM   97  O OP1   . DG  B 1 2 ? -8.755  -6.917  -0.566 1.00 21.41 ? 6  DG  B OP1   1 
ATOM   98  O OP2   . DG  B 1 2 ? -9.167  -5.587  -2.697 1.00 21.90 ? 6  DG  B OP2   1 
ATOM   99  O "O5'" . DG  B 1 2 ? -6.909  -5.766  -1.434 1.00 21.07 ? 6  DG  B "O5'" 1 
ATOM   100 C "C5'" . DG  B 1 2 ? -6.091  -6.666  -0.683 1.00 20.80 ? 6  DG  B "C5'" 1 
ATOM   101 C "C4'" . DG  B 1 2 ? -5.253  -5.833  0.314  1.00 20.67 ? 6  DG  B "C4'" 1 
ATOM   102 O "O4'" . DG  B 1 2 ? -4.385  -4.963  -0.420 1.00 20.52 ? 6  DG  B "O4'" 1 
ATOM   103 C "C3'" . DG  B 1 2 ? -6.191  -4.896  1.150  1.00 20.84 ? 6  DG  B "C3'" 1 
ATOM   104 O "O3'" . DG  B 1 2 ? -5.894  -4.732  2.421  1.00 22.03 ? 6  DG  B "O3'" 1 
ATOM   105 C "C2'" . DG  B 1 2 ? -6.130  -3.560  0.351  1.00 20.24 ? 6  DG  B "C2'" 1 
ATOM   106 C "C1'" . DG  B 1 2 ? -4.645  -3.593  -0.066 1.00 19.47 ? 6  DG  B "C1'" 1 
ATOM   107 N N9    . DG  B 1 2 ? -4.409  -2.701  -1.141 1.00 18.70 ? 6  DG  B N9    1 
ATOM   108 C C8    . DG  B 1 2 ? -5.243  -2.082  -1.964 1.00 18.32 ? 6  DG  B C8    1 
ATOM   109 N N7    . DG  B 1 2 ? -4.655  -1.280  -2.848 1.00 18.38 ? 6  DG  B N7    1 
ATOM   110 C C5    . DG  B 1 2 ? -3.340  -1.435  -2.549 1.00 18.27 ? 6  DG  B C5    1 
ATOM   111 C C6    . DG  B 1 2 ? -2.164  -0.881  -3.137 1.00 18.34 ? 6  DG  B C6    1 
ATOM   112 O O6    . DG  B 1 2 ? -2.192  -0.103  -4.131 1.00 18.67 ? 6  DG  B O6    1 
ATOM   113 N N1    . DG  B 1 2 ? -0.995  -1.200  -2.589 1.00 18.36 ? 6  DG  B N1    1 
ATOM   114 C C2    . DG  B 1 2 ? -0.960  -2.048  -1.544 1.00 17.83 ? 6  DG  B C2    1 
ATOM   115 N N2    . DG  B 1 2 ? 0.106   -2.375  -1.015 1.00 17.87 ? 6  DG  B N2    1 
ATOM   116 N N3    . DG  B 1 2 ? -1.952  -2.645  -0.936 1.00 17.83 ? 6  DG  B N3    1 
ATOM   117 C C4    . DG  B 1 2 ? -3.130  -2.282  -1.506 1.00 18.23 ? 6  DG  B C4    1 
ATOM   118 P P     . DC  B 1 3 ? -6.485  -5.309  3.793  1.00 23.04 ? 7  DC  B P     1 
ATOM   119 O OP1   . DC  B 1 3 ? -6.229  -6.692  3.782  1.00 23.07 ? 7  DC  B OP1   1 
ATOM   120 O OP2   . DC  B 1 3 ? -7.803  -4.698  3.951  1.00 22.88 ? 7  DC  B OP2   1 
ATOM   121 O "O5'" . DC  B 1 3 ? -5.363  -4.870  4.938  1.00 22.36 ? 7  DC  B "O5'" 1 
ATOM   122 C "C5'" . DC  B 1 3 ? -4.132  -5.214  4.378  1.00 21.97 ? 7  DC  B "C5'" 1 
ATOM   123 C "C4'" . DC  B 1 3 ? -3.002  -4.280  4.672  1.00 21.61 ? 7  DC  B "C4'" 1 
ATOM   124 O "O4'" . DC  B 1 3 ? -2.621  -3.721  3.336  1.00 21.04 ? 7  DC  B "O4'" 1 
ATOM   125 C "C3'" . DC  B 1 3 ? -3.182  -3.100  5.628  1.00 21.59 ? 7  DC  B "C3'" 1 
ATOM   126 O "O3'" . DC  B 1 3 ? -2.664  -3.327  6.903  1.00 22.02 ? 7  DC  B "O3'" 1 
ATOM   127 C "C2'" . DC  B 1 3 ? -2.401  -1.983  4.949  1.00 21.19 ? 7  DC  B "C2'" 1 
ATOM   128 C "C1'" . DC  B 1 3 ? -2.047  -2.493  3.514  1.00 20.15 ? 7  DC  B "C1'" 1 
ATOM   129 N N1    . DC  B 1 3 ? -2.614  -1.472  2.542  1.00 19.24 ? 7  DC  B N1    1 
ATOM   130 C C2    . DC  B 1 3 ? -1.640  -0.850  1.836  1.00 18.87 ? 7  DC  B C2    1 
ATOM   131 O O2    . DC  B 1 3 ? -0.455  -1.104  1.935  1.00 18.85 ? 7  DC  B O2    1 
ATOM   132 N N3    . DC  B 1 3 ? -2.058  0.109   0.943  1.00 18.76 ? 7  DC  B N3    1 
ATOM   133 C C4    . DC  B 1 3 ? -3.404  0.439   0.774  1.00 18.72 ? 7  DC  B C4    1 
ATOM   134 N N4    . DC  B 1 3 ? -3.651  1.391   -0.173 1.00 19.29 ? 7  DC  B N4    1 
ATOM   135 C C5    . DC  B 1 3 ? -4.366  -0.206  1.553  1.00 18.66 ? 7  DC  B C5    1 
ATOM   136 C C6    . DC  B 1 3 ? -3.949  -1.147  2.415  1.00 18.97 ? 7  DC  B C6    1 
ATOM   137 P P     . DG  B 1 4 ? -2.460  -2.379  8.176  1.00 21.87 ? 8  DG  B P     1 
ATOM   138 O OP1   . DG  B 1 4 ? -1.919  -3.294  9.157  1.00 20.77 ? 8  DG  B OP1   1 
ATOM   139 O OP2   . DG  B 1 4 ? -3.817  -1.795  8.414  1.00 21.95 ? 8  DG  B OP2   1 
ATOM   140 O "O5'" . DG  B 1 4 ? -1.286  -1.279  8.010  1.00 20.28 ? 8  DG  B "O5'" 1 
ATOM   141 C "C5'" . DG  B 1 4 ? 0.020   -1.874  8.163  1.00 19.38 ? 8  DG  B "C5'" 1 
ATOM   142 C "C4'" . DG  B 1 4 ? 0.994   -0.685  8.305  1.00 19.13 ? 8  DG  B "C4'" 1 
ATOM   143 O "O4'" . DG  B 1 4 ? 0.452   0.408   7.533  1.00 18.12 ? 8  DG  B "O4'" 1 
ATOM   144 C "C3'" . DG  B 1 4 ? 1.146   -0.144  9.765  1.00 19.23 ? 8  DG  B "C3'" 1 
ATOM   145 O "O3'" . DG  B 1 4 ? 2.496   0.168   10.021 1.00 19.95 ? 8  DG  B "O3'" 1 
ATOM   146 C "C2'" . DG  B 1 4 ? 0.296   1.141   9.806  1.00 18.09 ? 8  DG  B "C2'" 1 
ATOM   147 C "C1'" . DG  B 1 4 ? 0.629   1.662   8.394  1.00 17.35 ? 8  DG  B "C1'" 1 
ATOM   148 N N9    . DG  B 1 4 ? -0.265  2.592   7.884  1.00 16.24 ? 8  DG  B N9    1 
ATOM   149 C C8    . DG  B 1 4 ? -1.598  2.633   8.049  1.00 16.11 ? 8  DG  B C8    1 
ATOM   150 N N7    . DG  B 1 4 ? -2.202  3.608   7.348  1.00 15.82 ? 8  DG  B N7    1 
ATOM   151 C C5    . DG  B 1 4 ? -1.158  4.180   6.678  1.00 15.62 ? 8  DG  B C5    1 
ATOM   152 C C6    . DG  B 1 4 ? -1.115  5.261   5.766  1.00 15.58 ? 8  DG  B C6    1 
ATOM   153 O O6    . DG  B 1 4 ? -2.129  5.904   5.404  1.00 16.08 ? 8  DG  B O6    1 
ATOM   154 N N1    . DG  B 1 4 ? 0.078   5.611   5.237  1.00 15.55 ? 8  DG  B N1    1 
ATOM   155 C C2    . DG  B 1 4 ? 1.163   4.931   5.634  1.00 15.46 ? 8  DG  B C2    1 
ATOM   156 N N2    . DG  B 1 4 ? 2.266   5.209   5.203  1.00 15.70 ? 8  DG  B N2    1 
ATOM   157 N N3    . DG  B 1 4 ? 1.260   3.904   6.477  1.00 15.88 ? 8  DG  B N3    1 
ATOM   158 C C4    . DG  B 1 4 ? 0.038   3.590   6.969  1.00 15.81 ? 8  DG  B C4    1 
HETATM 159 C C1    . DIT C 2 . ? -0.828  5.838   0.588  1.00 17.27 ? 9  DIT A C1    1 
HETATM 160 N N2    . DIT C 2 . ? -0.755  6.816   -0.301 1.00 18.00 ? 9  DIT A N2    1 
HETATM 161 C C3    . DIT C 2 . ? 0.400   7.279   -0.728 1.00 17.52 ? 9  DIT A C3    1 
HETATM 162 C C4    . DIT C 2 . ? 1.552   6.759   -0.267 1.00 16.52 ? 9  DIT A C4    1 
HETATM 163 C C5    . DIT C 2 . ? 2.656   5.268   1.039  1.00 16.69 ? 9  DIT A C5    1 
HETATM 164 C C6    . DIT C 2 . ? 2.671   4.228   1.927  1.00 16.15 ? 9  DIT A C6    1 
HETATM 165 N N7    . DIT C 2 . ? 1.401   2.770   3.239  1.00 15.15 ? 9  DIT A N7    1 
HETATM 166 C C8    . DIT C 2 . ? -0.419  1.735   4.248  1.00 14.36 ? 9  DIT A C8    1 
HETATM 167 C C9    . DIT C 2 . ? -1.782  1.705   4.311  1.00 14.55 ? 9  DIT A C9    1 
HETATM 168 C C10   . DIT C 2 . ? -2.529  2.541   3.549  1.00 14.65 ? 9  DIT A C10   1 
HETATM 169 O O10   . DIT C 2 . ? -3.879  2.462   3.626  1.00 15.84 ? 9  DIT A O10   1 
HETATM 170 C C11   . DIT C 2 . ? -1.868  3.434   2.734  1.00 15.40 ? 9  DIT A C11   1 
HETATM 171 C C12   . DIT C 2 . ? 1.468   5.773   0.633  1.00 16.17 ? 9  DIT A C12   1 
HETATM 172 C C13   . DIT C 2 . ? 1.578   3.733   2.359  1.00 15.82 ? 9  DIT A C13   1 
HETATM 173 C C14   . DIT C 2 . ? 0.140   2.588   3.470  1.00 14.72 ? 9  DIT A C14   1 
HETATM 174 C C15   . DIT C 2 . ? -0.581  3.496   2.642  1.00 14.98 ? 9  DIT A C15   1 
HETATM 175 C C16   . DIT C 2 . ? 0.289   4.242   1.956  1.00 15.77 ? 9  DIT A C16   1 
HETATM 176 C C17   . DIT C 2 . ? 0.297   5.242   1.110  1.00 16.41 ? 9  DIT A C17   1 
HETATM 177 C C18   . DIT C 2 . ? -4.568  3.368   2.806  1.00 14.87 ? 9  DIT A C18   1 
HETATM 178 C C19   . DIT C 2 . ? -1.971  7.471   -0.891 1.00 19.16 ? 9  DIT A C19   1 
HETATM 179 C C20   . DIT C 2 . ? -3.177  6.644   -0.809 1.00 20.49 ? 9  DIT A C20   1 
HETATM 180 N N21   . DIT C 2 . ? -3.712  6.175   -2.124 1.00 21.84 ? 9  DIT A N21   1 
HETATM 181 C C22   . DIT C 2 . ? -2.671  5.535   -3.007 1.00 22.61 ? 9  DIT A C22   1 
HETATM 182 C C23   . DIT C 2 . ? -3.378  4.895   -4.211 1.00 23.34 ? 9  DIT A C23   1 
HETATM 183 C C24   . DIT C 2 . ? -4.209  3.729   -3.657 1.00 23.35 ? 9  DIT A C24   1 
HETATM 184 C C25   . DIT C 2 . ? -5.264  4.486   -2.790 1.00 23.04 ? 9  DIT A C25   1 
HETATM 185 C C26   . DIT C 2 . ? -4.613  5.082   -1.535 1.00 22.30 ? 9  DIT A C26   1 
HETATM 186 C C1X   . DIT C 2 . ? -2.990  -2.997  -5.439 1.00 18.99 ? 9  DIT A C1X   1 
HETATM 187 N N2X   . DIT C 2 . ? -4.317  -3.078  -5.411 1.00 19.19 ? 9  DIT A N2X   1 
HETATM 188 C C3X   . DIT C 2 . ? -4.940  -3.921  -4.638 1.00 18.69 ? 9  DIT A C3X   1 
HETATM 189 C C4X   . DIT C 2 . ? -4.219  -4.769  -3.851 1.00 18.74 ? 9  DIT A C4X   1 
HETATM 190 C C5X   . DIT C 2 . ? -2.169  -5.466  -3.072 1.00 19.01 ? 9  DIT A C5X   1 
HETATM 191 C C6X   . DIT C 2 . ? -0.797  -5.384  -3.056 1.00 18.61 ? 9  DIT A C6X   1 
HETATM 192 N N7X   . DIT C 2 . ? 1.118   -4.352  -3.922 1.00 18.85 ? 9  DIT A N7X   1 
HETATM 193 C C8X   . DIT C 2 . ? 2.466   -2.902  -5.184 1.00 18.98 ? 9  DIT A C8X   1 
HETATM 194 C C9X   . DIT C 2 . ? 2.464   -1.907  -6.123 1.00 19.52 ? 9  DIT A C9X   1 
HETATM 195 C CAX   . DIT C 2 . ? 1.279   -1.423  -6.604 1.00 19.53 ? 9  DIT A CAX   1 
HETATM 196 O OAX   . DIT C 2 . ? 1.305   -0.420  -7.529 1.00 19.82 ? 9  DIT A OAX   1 
HETATM 197 C CBX   . DIT C 2 . ? 0.126   -1.994  -6.121 1.00 19.60 ? 9  DIT A CBX   1 
HETATM 198 C CCX   . DIT C 2 . ? -2.870  -4.655  -3.881 1.00 19.08 ? 9  DIT A CCX   1 
HETATM 199 C CDX   . DIT C 2 . ? -0.181  -4.546  -3.786 1.00 18.30 ? 9  DIT A CDX   1 
HETATM 200 C CEX   . DIT C 2 . ? 1.358   -3.396  -4.776 1.00 18.73 ? 9  DIT A CEX   1 
HETATM 201 C CFX   . DIT C 2 . ? 0.085   -2.960  -5.271 1.00 18.98 ? 9  DIT A CFX   1 
HETATM 202 C CGX   . DIT C 2 . ? -0.879  -3.678  -4.669 1.00 18.74 ? 9  DIT A CGX   1 
HETATM 203 C CHX   . DIT C 2 . ? -2.181  -3.761  -4.676 1.00 18.73 ? 9  DIT A CHX   1 
HETATM 204 C CIX   . DIT C 2 . ? 0.100   0.033   -8.005 1.00 19.75 ? 9  DIT A CIX   1 
HETATM 205 C CJX   . DIT C 2 . ? -5.032  -2.139  -6.320 1.00 20.25 ? 9  DIT A CJX   1 
HETATM 206 C CKX   . DIT C 2 . ? -6.027  -1.230  -5.704 1.00 21.59 ? 9  DIT A CKX   1 
HETATM 207 N NLX   . DIT C 2 . ? -5.399  0.067   -5.362 1.00 22.58 ? 9  DIT A NLX   1 
HETATM 208 C CMX   . DIT C 2 . ? -4.520  0.848   -6.281 1.00 23.26 ? 9  DIT A CMX   1 
HETATM 209 C CNX   . DIT C 2 . ? -3.867  1.938   -5.412 1.00 23.40 ? 9  DIT A CNX   1 
HETATM 210 C COX   . DIT C 2 . ? -4.879  2.884   -4.763 1.00 23.35 ? 9  DIT A COX   1 
HETATM 211 C CPX   . DIT C 2 . ? -6.002  2.003   -4.133 1.00 23.18 ? 9  DIT A CPX   1 
HETATM 212 C CQX   . DIT C 2 . ? -6.606  0.953   -5.048 1.00 23.20 ? 9  DIT A CQX   1 
HETATM 213 O O     . HOH D 3 . ? -2.543  10.569  -0.647 1.00 18.57 ? 12 HOH A O     1 
HETATM 214 O O     . HOH D 3 . ? 8.640   -5.444  -8.136 1.00 40.85 ? 16 HOH A O     1 
HETATM 215 O O     . HOH D 3 . ? -0.522  5.449   -4.486 1.00 17.09 ? 18 HOH A O     1 
HETATM 216 O O     . HOH D 3 . ? -6.013  8.458   -7.487 1.00 38.54 ? 19 HOH A O     1 
HETATM 217 O O     . HOH D 3 . ? -3.848  1.999   -9.431 1.00 21.97 ? 20 HOH A O     1 
HETATM 218 O O     . HOH D 3 . ? -7.081  10.052  -4.649 1.00 39.88 ? 21 HOH A O     1 
HETATM 219 O O     . HOH D 3 . ? 8.456   -0.277  -1.021 1.00 57.70 ? 25 HOH A O     1 
HETATM 220 O O     . HOH D 3 . ? 3.745   -8.035  -2.085 1.00 43.84 ? 26 HOH A O     1 
HETATM 221 O O     . HOH D 3 . ? 9.998   -0.503  1.708  1.00 53.46 ? 29 HOH A O     1 
HETATM 222 O O     . HOH D 3 . ? 8.827   10.236  -4.593 1.00 42.29 ? 34 HOH A O     1 
HETATM 223 O O     . HOH D 3 . ? 10.644  2.110   4.230  1.00 41.32 ? 36 HOH A O     1 
HETATM 224 O O     . HOH D 3 . ? 9.399   5.952   -5.029 1.00 26.57 ? 37 HOH A O     1 
HETATM 225 O O     . HOH D 3 . ? -7.190  3.927   3.415  1.00 49.95 ? 41 HOH A O     1 
HETATM 226 O O     . HOH D 3 . ? 9.678   2.539   -1.556 1.00 31.12 ? 45 HOH A O     1 
HETATM 227 O O     . HOH D 3 . ? -8.607  9.918   0.180  1.00 37.14 ? 47 HOH A O     1 
HETATM 228 O O     . HOH D 3 . ? 1.562   8.559   -3.714 1.00 19.45 ? 49 HOH A O     1 
HETATM 229 O O     . HOH D 3 . ? -1.409  3.362   -7.764 1.00 32.19 ? 51 HOH A O     1 
HETATM 230 O O     . HOH D 3 . ? 2.616   4.686   -5.249 1.00 58.24 ? 58 HOH A O     1 
HETATM 231 O O     . HOH D 3 . ? -3.298  7.465   -6.852 1.00 60.68 ? 59 HOH A O     1 
HETATM 232 O O     . HOH D 3 . ? 9.241   7.706   -1.704 1.00 52.44 ? 63 HOH A O     1 
HETATM 233 O O     . HOH D 3 . ? 6.359   -3.568  5.514  1.00 29.95 ? 64 HOH A O     1 
HETATM 234 O O     . HOH D 3 . ? 4.707   -1.143  5.165  1.00 62.69 ? 65 HOH A O     1 
HETATM 235 O O     . HOH D 3 . ? 6.828   5.232   3.488  1.00 62.53 ? 66 HOH A O     1 
HETATM 236 O O     . HOH D 3 . ? 11.724  6.137   -0.043 1.00 44.79 ? 67 HOH A O     1 
HETATM 237 O O     . HOH D 3 . ? 7.112   2.800   0.712  1.00 35.98 ? 68 HOH A O     1 
HETATM 238 O O     . HOH D 3 . ? 4.574   2.210   0.980  1.00 45.88 ? 69 HOH A O     1 
HETATM 239 O O     . HOH D 3 . ? 9.462   4.500   0.882  1.00 53.67 ? 70 HOH A O     1 
HETATM 240 O O     . HOH D 3 . ? 9.903   6.495   4.717  1.00 67.25 ? 71 HOH A O     1 
HETATM 241 O O     . HOH D 3 . ? 4.447   -11.056 -2.505 1.00 54.48 ? 72 HOH A O     1 
HETATM 242 O O     . HOH D 3 . ? 8.567   7.594   2.368  1.00 55.00 ? 73 HOH A O     1 
HETATM 243 O O     . HOH D 3 . ? 8.526   -2.995  3.652  1.00 69.15 ? 74 HOH A O     1 
HETATM 244 O O     . HOH D 3 . ? -0.633  6.515   -7.012 1.00 52.02 ? 77 HOH A O     1 
HETATM 245 O O     . HOH D 3 . ? 4.133   0.695   3.361  1.00 30.22 ? 80 HOH A O     1 
HETATM 246 O O     . HOH D 3 . ? 5.142   7.261   3.591  1.00 49.35 ? 81 HOH A O     1 
HETATM 247 O O     . HOH D 3 . ? 9.804   10.775  -0.652 1.00 29.48 ? 82 HOH A O     1 
HETATM 248 O O     . HOH D 3 . ? 7.202   1.035   3.203  1.00 67.20 ? 83 HOH A O     1 
HETATM 249 O O     . HOH D 3 . ? 6.973   -1.670  0.542  1.00 36.86 ? 85 HOH A O     1 
HETATM 250 O O     . HOH D 3 . ? 8.641   -4.169  0.374  1.00 57.54 ? 86 HOH A O     1 
HETATM 251 O O     . HOH D 3 . ? -7.638  7.569   -2.663 1.00 51.08 ? 89 HOH A O     1 
HETATM 252 O O     . HOH E 3 . ? 1.068   -6.202  0.189  1.00 20.27 ? 10 HOH B O     1 
HETATM 253 O O     . HOH E 3 . ? 3.817   -2.456  1.539  1.00 24.92 ? 11 HOH B O     1 
HETATM 254 O O     . HOH E 3 . ? -3.027  -8.953  -2.484 1.00 30.53 ? 13 HOH B O     1 
HETATM 255 O O     . HOH E 3 . ? -1.445  -6.921  7.400  1.00 42.19 ? 14 HOH B O     1 
HETATM 256 O O     . HOH E 3 . ? -5.563  9.153   7.292  1.00 42.73 ? 15 HOH B O     1 
HETATM 257 O O     . HOH E 3 . ? -5.238  1.489   6.941  1.00 29.00 ? 17 HOH B O     1 
HETATM 258 O O     . HOH E 3 . ? 1.797   -7.477  8.839  1.00 33.41 ? 22 HOH B O     1 
HETATM 259 O O     . HOH E 3 . ? 3.338   -2.542  10.094 1.00 32.60 ? 23 HOH B O     1 
HETATM 260 O O     . HOH E 3 . ? -4.147  3.241   10.989 1.00 40.05 ? 24 HOH B O     1 
HETATM 261 O O     . HOH E 3 . ? 2.184   -4.383  1.525  1.00 50.34 ? 27 HOH B O     1 
HETATM 262 O O     . HOH E 3 . ? -1.745  -4.796  0.661  1.00 34.98 ? 28 HOH B O     1 
HETATM 263 O O     . HOH E 3 . ? 0.302   -4.828  10.219 1.00 28.41 ? 30 HOH B O     1 
HETATM 264 O O     . HOH E 3 . ? -8.616  -4.656  -7.424 1.00 29.94 ? 31 HOH B O     1 
HETATM 265 O O     . HOH E 3 . ? -5.734  6.226   12.646 1.00 33.74 ? 32 HOH B O     1 
HETATM 266 O O     . HOH E 3 . ? 1.972   -6.029  4.604  1.00 35.82 ? 33 HOH B O     1 
HETATM 267 O O     . HOH E 3 . ? -5.161  5.730   6.852  1.00 37.86 ? 35 HOH B O     1 
HETATM 268 O O     . HOH E 3 . ? -6.650  3.827   8.673  1.00 35.25 ? 38 HOH B O     1 
HETATM 269 O O     . HOH E 3 . ? -10.702 4.839   7.315  1.00 43.20 ? 39 HOH B O     1 
HETATM 270 O O     . HOH E 3 . ? -9.280  3.183   9.162  1.00 29.11 ? 40 HOH B O     1 
HETATM 271 O O     . HOH E 3 . ? 4.747   -5.364  7.618  1.00 34.15 ? 42 HOH B O     1 
HETATM 272 O O     . HOH E 3 . ? 2.918   -10.111 9.573  1.00 36.82 ? 43 HOH B O     1 
HETATM 273 O O     . HOH E 3 . ? 7.341   -5.869  7.312  1.00 23.96 ? 44 HOH B O     1 
HETATM 274 O O     . HOH E 3 . ? 0.333   -9.410  6.338  1.00 34.92 ? 46 HOH B O     1 
HETATM 275 O O     . HOH E 3 . ? 4.605   -7.435  9.349  1.00 46.68 ? 48 HOH B O     1 
HETATM 276 O O     . HOH E 3 . ? 3.415   2.757   6.106  1.00 28.37 ? 50 HOH B O     1 
HETATM 277 O O     . HOH E 3 . ? -12.114 -12.869 -4.199 1.00 22.45 ? 52 HOH B O     1 
HETATM 278 O O     . HOH E 3 . ? 8.183   -4.345  10.213 1.00 31.76 ? 53 HOH B O     1 
HETATM 279 O O     . HOH E 3 . ? 9.671   -5.202  12.485 1.00 43.72 ? 54 HOH B O     1 
HETATM 280 O O     . HOH E 3 . ? -5.339  -12.776 3.107  1.00 64.75 ? 55 HOH B O     1 
HETATM 281 O O     . HOH E 3 . ? 4.441   -0.329  7.724  1.00 38.74 ? 56 HOH B O     1 
HETATM 282 O O     . HOH E 3 . ? -7.025  -1.407  4.492  1.00 45.86 ? 57 HOH B O     1 
HETATM 283 O O     . HOH E 3 . ? -9.638  -1.421  6.965  1.00 66.68 ? 60 HOH B O     1 
HETATM 284 O O     . HOH E 3 . ? -11.660 1.210   6.409  1.00 26.59 ? 61 HOH B O     1 
HETATM 285 O O     . HOH E 3 . ? -10.481 3.518   2.887  1.00 48.25 ? 62 HOH B O     1 
HETATM 286 O O     . HOH E 3 . ? -3.204  -9.708  5.745  1.00 43.39 ? 75 HOH B O     1 
HETATM 287 O O     . HOH E 3 . ? -3.174  -7.668  3.375  1.00 53.38 ? 76 HOH B O     1 
HETATM 288 O O     . HOH E 3 . ? -8.154  5.028   11.771 1.00 41.52 ? 78 HOH B O     1 
HETATM 289 O O     . HOH E 3 . ? 3.952   2.526   9.682  1.00 41.48 ? 79 HOH B O     1 
HETATM 290 O O     . HOH E 3 . ? 5.838   2.256   5.674  1.00 49.55 ? 84 HOH B O     1 
HETATM 291 O O     . HOH E 3 . ? 8.020   1.828   7.418  1.00 58.12 ? 87 HOH B O     1 
HETATM 292 O O     . HOH E 3 . ? 6.527   2.117   10.404 1.00 71.09 ? 88 HOH B O     1 
HETATM 293 O O     . HOH E 3 . ? -8.683  -15.322 -1.802 1.00 50.99 ? 90 HOH B O     1 
HETATM 294 O O     . HOH E 3 . ? -14.355 -11.845 -1.000 1.00 61.46 ? 91 HOH B O     1 
HETATM 295 O O     . HOH E 3 . ? -12.290 -8.561  -3.976 1.00 46.89 ? 92 HOH B O     1 
# 
